data_1XWC
# 
_entry.id   1XWC 
# 
_audit_conform.dict_name       mmcif_pdbx.dic 
_audit_conform.dict_version    5.380 
_audit_conform.dict_location   http://mmcif.pdb.org/dictionaries/ascii/mmcif_pdbx.dic 
# 
loop_
_database_2.database_id 
_database_2.database_code 
_database_2.pdbx_database_accession 
_database_2.pdbx_DOI 
PDB   1XWC         pdb_00001xwc 10.2210/pdb1xwc/pdb 
RCSB  RCSB030841   ?            ?                   
WWPDB D_1000030841 ?            ?                   
# 
loop_
_pdbx_database_related.db_name 
_pdbx_database_related.db_id 
_pdbx_database_related.details 
_pdbx_database_related.content_type 
PDB 1XW9 'Oxidized Drospohila thioredoxin in space group P21'    unspecified 
PDB 1XWA 'Oxidized Drospohila thioredoxin in space group P41212' unspecified 
PDB 1XWB 'Oxidized Drospohila thioredoxin in space group P42212' unspecified 
# 
_pdbx_database_status.status_code                     REL 
_pdbx_database_status.entry_id                        1XWC 
_pdbx_database_status.recvd_initial_deposition_date   2004-10-29 
_pdbx_database_status.deposit_site                    RCSB 
_pdbx_database_status.process_site                    PDBJ 
_pdbx_database_status.status_code_sf                  REL 
_pdbx_database_status.status_code_mr                  ? 
_pdbx_database_status.SG_entry                        ? 
_pdbx_database_status.pdb_format_compatible           Y 
_pdbx_database_status.status_code_cs                  ? 
_pdbx_database_status.status_code_nmr_data            ? 
_pdbx_database_status.methods_development_category    ? 
# 
loop_
_audit_author.name 
_audit_author.pdbx_ordinal 
'Wahl, M.C.'     1 
'Irmler, A.'     2 
'Hecker, B.'     3 
'Schirmer, R.H.' 4 
'Becker, K.'     5 
# 
_citation.id                        primary 
_citation.title                     
'Comparative structural analysis of oxidized and reduced thioredoxin from Drosophila melanogaster' 
_citation.journal_abbrev            J.Mol.Biol. 
_citation.journal_volume            345 
_citation.page_first                1119 
_citation.page_last                 1130 
_citation.year                      2005 
_citation.journal_id_ASTM           JMOBAK 
_citation.country                   UK 
_citation.journal_id_ISSN           0022-2836 
_citation.journal_id_CSD            0070 
_citation.book_publisher            ? 
_citation.pdbx_database_id_PubMed   15644209 
_citation.pdbx_database_id_DOI      10.1016/j.jmb.2004.11.004 
# 
loop_
_citation_author.citation_id 
_citation_author.name 
_citation_author.ordinal 
_citation_author.identifier_ORCID 
primary 'Wahl, M.C.'     1 ? 
primary 'Irmler, A.'     2 ? 
primary 'Hecker, B.'     3 ? 
primary 'Schirmer, R.H.' 4 ? 
primary 'Becker, K.'     5 ? 
# 
_cell.entry_id           1XWC 
_cell.length_a           52.954 
_cell.length_b           52.954 
_cell.length_c           152.939 
_cell.angle_alpha        90.00 
_cell.angle_beta         90.00 
_cell.angle_gamma        120.00 
_cell.Z_PDB              12 
_cell.pdbx_unique_axis   ? 
_cell.length_a_esd       ? 
_cell.length_b_esd       ? 
_cell.length_c_esd       ? 
_cell.angle_alpha_esd    ? 
_cell.angle_beta_esd     ? 
_cell.angle_gamma_esd    ? 
# 
_symmetry.entry_id                         1XWC 
_symmetry.space_group_name_H-M             'P 65 2 2' 
_symmetry.pdbx_full_space_group_name_H-M   ? 
_symmetry.cell_setting                     ? 
_symmetry.Int_Tables_number                179 
_symmetry.space_group_name_Hall            ? 
# 
loop_
_entity.id 
_entity.type 
_entity.src_method 
_entity.pdbx_description 
_entity.formula_weight 
_entity.pdbx_number_of_molecules 
_entity.pdbx_ec 
_entity.pdbx_mutation 
_entity.pdbx_fragment 
_entity.details 
1 polymer man thioredoxin 11748.636 1  ? ? ? ? 
2 water   nat water       18.015    42 ? ? ? ? 
# 
_entity_poly.entity_id                      1 
_entity_poly.type                           'polypeptide(L)' 
_entity_poly.nstd_linkage                   no 
_entity_poly.nstd_monomer                   no 
_entity_poly.pdbx_seq_one_letter_code       
;MVYQVKDKADLDGQLTKASGKLVVLDFFATWCGPCKMISPKLVELSTQFADNVVVLKVDVDECEDIAMEYNISSMPTFVF
LKNGVKVEEFAGANAKRLEDVIKANI
;
_entity_poly.pdbx_seq_one_letter_code_can   
;MVYQVKDKADLDGQLTKASGKLVVLDFFATWCGPCKMISPKLVELSTQFADNVVVLKVDVDECEDIAMEYNISSMPTFVF
LKNGVKVEEFAGANAKRLEDVIKANI
;
_entity_poly.pdbx_strand_id                 A 
_entity_poly.pdbx_target_identifier         ? 
# 
loop_
_entity_poly_seq.entity_id 
_entity_poly_seq.num 
_entity_poly_seq.mon_id 
_entity_poly_seq.hetero 
1 1   MET n 
1 2   VAL n 
1 3   TYR n 
1 4   GLN n 
1 5   VAL n 
1 6   LYS n 
1 7   ASP n 
1 8   LYS n 
1 9   ALA n 
1 10  ASP n 
1 11  LEU n 
1 12  ASP n 
1 13  GLY n 
1 14  GLN n 
1 15  LEU n 
1 16  THR n 
1 17  LYS n 
1 18  ALA n 
1 19  SER n 
1 20  GLY n 
1 21  LYS n 
1 22  LEU n 
1 23  VAL n 
1 24  VAL n 
1 25  LEU n 
1 26  ASP n 
1 27  PHE n 
1 28  PHE n 
1 29  ALA n 
1 30  THR n 
1 31  TRP n 
1 32  CYS n 
1 33  GLY n 
1 34  PRO n 
1 35  CYS n 
1 36  LYS n 
1 37  MET n 
1 38  ILE n 
1 39  SER n 
1 40  PRO n 
1 41  LYS n 
1 42  LEU n 
1 43  VAL n 
1 44  GLU n 
1 45  LEU n 
1 46  SER n 
1 47  THR n 
1 48  GLN n 
1 49  PHE n 
1 50  ALA n 
1 51  ASP n 
1 52  ASN n 
1 53  VAL n 
1 54  VAL n 
1 55  VAL n 
1 56  LEU n 
1 57  LYS n 
1 58  VAL n 
1 59  ASP n 
1 60  VAL n 
1 61  ASP n 
1 62  GLU n 
1 63  CYS n 
1 64  GLU n 
1 65  ASP n 
1 66  ILE n 
1 67  ALA n 
1 68  MET n 
1 69  GLU n 
1 70  TYR n 
1 71  ASN n 
1 72  ILE n 
1 73  SER n 
1 74  SER n 
1 75  MET n 
1 76  PRO n 
1 77  THR n 
1 78  PHE n 
1 79  VAL n 
1 80  PHE n 
1 81  LEU n 
1 82  LYS n 
1 83  ASN n 
1 84  GLY n 
1 85  VAL n 
1 86  LYS n 
1 87  VAL n 
1 88  GLU n 
1 89  GLU n 
1 90  PHE n 
1 91  ALA n 
1 92  GLY n 
1 93  ALA n 
1 94  ASN n 
1 95  ALA n 
1 96  LYS n 
1 97  ARG n 
1 98  LEU n 
1 99  GLU n 
1 100 ASP n 
1 101 VAL n 
1 102 ILE n 
1 103 LYS n 
1 104 ALA n 
1 105 ASN n 
1 106 ILE n 
# 
_entity_src_gen.entity_id                          1 
_entity_src_gen.pdbx_src_id                        1 
_entity_src_gen.pdbx_alt_source_flag               sample 
_entity_src_gen.pdbx_seq_type                      ? 
_entity_src_gen.pdbx_beg_seq_num                   ? 
_entity_src_gen.pdbx_end_seq_num                   ? 
_entity_src_gen.gene_src_common_name               'fruit fly' 
_entity_src_gen.gene_src_genus                     Drosophila 
_entity_src_gen.pdbx_gene_src_gene                 TRX-2 
_entity_src_gen.gene_src_species                   ? 
_entity_src_gen.gene_src_strain                    ? 
_entity_src_gen.gene_src_tissue                    ? 
_entity_src_gen.gene_src_tissue_fraction           ? 
_entity_src_gen.gene_src_details                   ? 
_entity_src_gen.pdbx_gene_src_fragment             ? 
_entity_src_gen.pdbx_gene_src_scientific_name      'Drosophila melanogaster' 
_entity_src_gen.pdbx_gene_src_ncbi_taxonomy_id     7227 
_entity_src_gen.pdbx_gene_src_variant              ? 
_entity_src_gen.pdbx_gene_src_cell_line            ? 
_entity_src_gen.pdbx_gene_src_atcc                 ? 
_entity_src_gen.pdbx_gene_src_organ                ? 
_entity_src_gen.pdbx_gene_src_organelle            ? 
_entity_src_gen.pdbx_gene_src_cell                 ? 
_entity_src_gen.pdbx_gene_src_cellular_location    ? 
_entity_src_gen.host_org_common_name               ? 
_entity_src_gen.pdbx_host_org_scientific_name      'Escherichia coli BL21(DE3)' 
_entity_src_gen.pdbx_host_org_ncbi_taxonomy_id     469008 
_entity_src_gen.host_org_genus                     Escherichia 
_entity_src_gen.pdbx_host_org_gene                 ? 
_entity_src_gen.pdbx_host_org_organ                ? 
_entity_src_gen.host_org_species                   'Escherichia coli' 
_entity_src_gen.pdbx_host_org_tissue               ? 
_entity_src_gen.pdbx_host_org_tissue_fraction      ? 
_entity_src_gen.pdbx_host_org_strain               'BL21(DE3)' 
_entity_src_gen.pdbx_host_org_variant              ? 
_entity_src_gen.pdbx_host_org_cell_line            ? 
_entity_src_gen.pdbx_host_org_atcc                 ? 
_entity_src_gen.pdbx_host_org_culture_collection   ? 
_entity_src_gen.pdbx_host_org_cell                 ? 
_entity_src_gen.pdbx_host_org_organelle            ? 
_entity_src_gen.pdbx_host_org_cellular_location    ? 
_entity_src_gen.pdbx_host_org_vector_type          plasmid 
_entity_src_gen.pdbx_host_org_vector               ? 
_entity_src_gen.host_org_details                   ? 
_entity_src_gen.expression_system_id               ? 
_entity_src_gen.plasmid_name                       pQE-30 
_entity_src_gen.plasmid_details                    ? 
_entity_src_gen.pdbx_description                   ? 
# 
_struct_ref.id                         1 
_struct_ref.db_name                    UNP 
_struct_ref.db_code                    THIO2_DROME 
_struct_ref.pdbx_db_accession          Q9V429 
_struct_ref.entity_id                  1 
_struct_ref.pdbx_seq_one_letter_code   
;MVYQVKDKADLDGQLTKASGKLVVLDFFATWCGPCKMISPKLVELSTQFADNVVVLKVDVDECEDIAMEYNISSMPTFVF
LKNGVKVEEFAGANAKRLEDVIKANI
;
_struct_ref.pdbx_align_begin           1 
_struct_ref.pdbx_db_isoform            ? 
# 
_struct_ref_seq.align_id                      1 
_struct_ref_seq.ref_id                        1 
_struct_ref_seq.pdbx_PDB_id_code              1XWC 
_struct_ref_seq.pdbx_strand_id                A 
_struct_ref_seq.seq_align_beg                 1 
_struct_ref_seq.pdbx_seq_align_beg_ins_code   ? 
_struct_ref_seq.seq_align_end                 106 
_struct_ref_seq.pdbx_seq_align_end_ins_code   ? 
_struct_ref_seq.pdbx_db_accession             Q9V429 
_struct_ref_seq.db_align_beg                  1 
_struct_ref_seq.pdbx_db_align_beg_ins_code    ? 
_struct_ref_seq.db_align_end                  106 
_struct_ref_seq.pdbx_db_align_end_ins_code    ? 
_struct_ref_seq.pdbx_auth_seq_align_beg       1 
_struct_ref_seq.pdbx_auth_seq_align_end       106 
# 
loop_
_chem_comp.id 
_chem_comp.type 
_chem_comp.mon_nstd_flag 
_chem_comp.name 
_chem_comp.pdbx_synonyms 
_chem_comp.formula 
_chem_comp.formula_weight 
ALA 'L-peptide linking' y ALANINE         ? 'C3 H7 N O2'     89.093  
ARG 'L-peptide linking' y ARGININE        ? 'C6 H15 N4 O2 1' 175.209 
ASN 'L-peptide linking' y ASPARAGINE      ? 'C4 H8 N2 O3'    132.118 
ASP 'L-peptide linking' y 'ASPARTIC ACID' ? 'C4 H7 N O4'     133.103 
CYS 'L-peptide linking' y CYSTEINE        ? 'C3 H7 N O2 S'   121.158 
GLN 'L-peptide linking' y GLUTAMINE       ? 'C5 H10 N2 O3'   146.144 
GLU 'L-peptide linking' y 'GLUTAMIC ACID' ? 'C5 H9 N O4'     147.129 
GLY 'peptide linking'   y GLYCINE         ? 'C2 H5 N O2'     75.067  
HOH non-polymer         . WATER           ? 'H2 O'           18.015  
ILE 'L-peptide linking' y ISOLEUCINE      ? 'C6 H13 N O2'    131.173 
LEU 'L-peptide linking' y LEUCINE         ? 'C6 H13 N O2'    131.173 
LYS 'L-peptide linking' y LYSINE          ? 'C6 H15 N2 O2 1' 147.195 
MET 'L-peptide linking' y METHIONINE      ? 'C5 H11 N O2 S'  149.211 
PHE 'L-peptide linking' y PHENYLALANINE   ? 'C9 H11 N O2'    165.189 
PRO 'L-peptide linking' y PROLINE         ? 'C5 H9 N O2'     115.130 
SER 'L-peptide linking' y SERINE          ? 'C3 H7 N O3'     105.093 
THR 'L-peptide linking' y THREONINE       ? 'C4 H9 N O3'     119.119 
TRP 'L-peptide linking' y TRYPTOPHAN      ? 'C11 H12 N2 O2'  204.225 
TYR 'L-peptide linking' y TYROSINE        ? 'C9 H11 N O3'    181.189 
VAL 'L-peptide linking' y VALINE          ? 'C5 H11 N O2'    117.146 
# 
_exptl.entry_id          1XWC 
_exptl.method            'X-RAY DIFFRACTION' 
_exptl.crystals_number   1 
# 
_exptl_crystal.id                    1 
_exptl_crystal.density_meas          ? 
_exptl_crystal.density_Matthews      2.6 
_exptl_crystal.density_percent_sol   51.9 
_exptl_crystal.description           ? 
_exptl_crystal.F_000                 ? 
_exptl_crystal.preparation           ? 
# 
_exptl_crystal_grow.crystal_id      1 
_exptl_crystal_grow.method          'VAPOR DIFFUSION' 
_exptl_crystal_grow.temp            298 
_exptl_crystal_grow.temp_details    ? 
_exptl_crystal_grow.pH              8.5 
_exptl_crystal_grow.pdbx_details    'ammonium sulfate, pH 8.5, VAPOR DIFFUSION, temperature 298K' 
_exptl_crystal_grow.pdbx_pH_range   . 
# 
_diffrn.id                     1 
_diffrn.ambient_temp           298 
_diffrn.ambient_temp_details   ? 
_diffrn.crystal_id             1 
# 
_diffrn_detector.diffrn_id              1 
_diffrn_detector.detector               'IMAGE PLATE' 
_diffrn_detector.type                   MARRESEARCH 
_diffrn_detector.pdbx_collection_date   ? 
_diffrn_detector.details                mirrors 
# 
_diffrn_radiation.diffrn_id                        1 
_diffrn_radiation.wavelength_id                    1 
_diffrn_radiation.pdbx_monochromatic_or_laue_m_l   M 
_diffrn_radiation.monochromator                    ? 
_diffrn_radiation.pdbx_diffrn_protocol             'SINGLE WAVELENGTH' 
_diffrn_radiation.pdbx_scattering_type             x-ray 
# 
_diffrn_radiation_wavelength.id           1 
_diffrn_radiation_wavelength.wavelength   1.5418 
_diffrn_radiation_wavelength.wt           1.0 
# 
_diffrn_source.diffrn_id                   1 
_diffrn_source.source                      'ROTATING ANODE' 
_diffrn_source.type                        'RIGAKU RU200' 
_diffrn_source.pdbx_synchrotron_site       ? 
_diffrn_source.pdbx_synchrotron_beamline   ? 
_diffrn_source.pdbx_wavelength             ? 
_diffrn_source.pdbx_wavelength_list        1.5418 
# 
_reflns.entry_id                     1XWC 
_reflns.observed_criterion_sigma_F   0 
_reflns.observed_criterion_sigma_I   0 
_reflns.d_resolution_high            2.3 
_reflns.d_resolution_low             30.0 
_reflns.number_all                   ? 
_reflns.number_obs                   5951 
_reflns.percent_possible_obs         95.8 
_reflns.pdbx_Rmerge_I_obs            ? 
_reflns.pdbx_Rsym_value              0.07 
_reflns.pdbx_netI_over_sigmaI        12.9 
_reflns.B_iso_Wilson_estimate        47.1 
_reflns.pdbx_redundancy              3.5 
_reflns.R_free_details               ? 
_reflns.limit_h_max                  ? 
_reflns.limit_h_min                  ? 
_reflns.limit_k_max                  ? 
_reflns.limit_k_min                  ? 
_reflns.limit_l_max                  ? 
_reflns.limit_l_min                  ? 
_reflns.observed_criterion_F_max     ? 
_reflns.observed_criterion_F_min     ? 
_reflns.pdbx_chi_squared             ? 
_reflns.pdbx_scaling_rejects         ? 
_reflns.pdbx_diffrn_id               1 
_reflns.pdbx_ordinal                 1 
# 
_reflns_shell.d_res_high             2.3 
_reflns_shell.d_res_low              2.4 
_reflns_shell.percent_possible_all   95.6 
_reflns_shell.Rmerge_I_obs           ? 
_reflns_shell.pdbx_Rsym_value        ? 
_reflns_shell.meanI_over_sigI_obs    ? 
_reflns_shell.pdbx_redundancy        ? 
_reflns_shell.percent_possible_obs   ? 
_reflns_shell.number_unique_all      ? 
_reflns_shell.number_measured_all    ? 
_reflns_shell.number_measured_obs    ? 
_reflns_shell.number_unique_obs      ? 
_reflns_shell.pdbx_chi_squared       ? 
_reflns_shell.pdbx_diffrn_id         ? 
_reflns_shell.pdbx_ordinal           1 
# 
_refine.entry_id                                 1XWC 
_refine.ls_d_res_high                            2.3 
_refine.ls_d_res_low                             20.0 
_refine.pdbx_ls_sigma_F                          0 
_refine.pdbx_ls_sigma_I                          0 
_refine.ls_number_reflns_all                     6177 
_refine.ls_number_reflns_obs                     5921 
_refine.ls_number_reflns_R_free                  651 
_refine.ls_percent_reflns_obs                    95.9 
_refine.ls_R_factor_all                          ? 
_refine.ls_R_factor_obs                          ? 
_refine.ls_R_factor_R_work                       0.221 
_refine.ls_R_factor_R_free                       0.249 
_refine.ls_redundancy_reflns_obs                 ? 
_refine.pdbx_data_cutoff_high_absF               ? 
_refine.pdbx_data_cutoff_low_absF                ? 
_refine.ls_number_parameters                     ? 
_refine.ls_number_restraints                     ? 
_refine.ls_percent_reflns_R_free                 ? 
_refine.ls_R_factor_R_free_error                 ? 
_refine.ls_R_factor_R_free_error_details         ? 
_refine.pdbx_method_to_determine_struct          'MOLECULAR REPLACEMENT' 
_refine.pdbx_starting_model                      'PDB Entry 1AUC' 
_refine.pdbx_ls_cross_valid_method               THROUGHOUT 
_refine.pdbx_R_Free_selection_details            RANDOM 
_refine.pdbx_stereochem_target_val_spec_case     ? 
_refine.pdbx_stereochemistry_target_values       'Engh & Huber' 
_refine.solvent_model_details                    ? 
_refine.solvent_model_param_bsol                 ? 
_refine.solvent_model_param_ksol                 ? 
_refine.occupancy_max                            ? 
_refine.occupancy_min                            ? 
_refine.pdbx_isotropic_thermal_model             ? 
_refine.B_iso_mean                               ? 
_refine.aniso_B[1][1]                            ? 
_refine.aniso_B[1][2]                            ? 
_refine.aniso_B[1][3]                            ? 
_refine.aniso_B[2][2]                            ? 
_refine.aniso_B[2][3]                            ? 
_refine.aniso_B[3][3]                            ? 
_refine.details                                  ? 
_refine.B_iso_min                                ? 
_refine.B_iso_max                                ? 
_refine.correlation_coeff_Fo_to_Fc               ? 
_refine.correlation_coeff_Fo_to_Fc_free          ? 
_refine.pdbx_solvent_vdw_probe_radii             ? 
_refine.pdbx_solvent_ion_probe_radii             ? 
_refine.pdbx_solvent_shrinkage_radii             ? 
_refine.overall_SU_R_Cruickshank_DPI             ? 
_refine.overall_SU_R_free                        ? 
_refine.overall_SU_B                             ? 
_refine.overall_SU_ML                            ? 
_refine.pdbx_overall_ESU_R                       ? 
_refine.pdbx_overall_ESU_R_Free                  ? 
_refine.pdbx_data_cutoff_high_rms_absF           ? 
_refine.ls_wR_factor_R_free                      ? 
_refine.ls_wR_factor_R_work                      ? 
_refine.overall_FOM_free_R_set                   ? 
_refine.overall_FOM_work_R_set                   ? 
_refine.pdbx_refine_id                           'X-RAY DIFFRACTION' 
_refine.pdbx_diffrn_id                           1 
_refine.pdbx_TLS_residual_ADP_flag               ? 
_refine.pdbx_overall_phase_error                 ? 
_refine.pdbx_overall_SU_R_free_Cruickshank_DPI   ? 
_refine.pdbx_overall_SU_R_Blow_DPI               ? 
_refine.pdbx_overall_SU_R_free_Blow_DPI          ? 
# 
_refine_hist.pdbx_refine_id                   'X-RAY DIFFRACTION' 
_refine_hist.cycle_id                         LAST 
_refine_hist.pdbx_number_atoms_protein        821 
_refine_hist.pdbx_number_atoms_nucleic_acid   0 
_refine_hist.pdbx_number_atoms_ligand         0 
_refine_hist.number_atoms_solvent             42 
_refine_hist.number_atoms_total               863 
_refine_hist.d_res_high                       2.3 
_refine_hist.d_res_low                        20.0 
# 
_struct.entry_id                  1XWC 
_struct.title                     'Drosophila thioredoxin, reduced, P6522' 
_struct.pdbx_model_details        ? 
_struct.pdbx_CASP_flag            ? 
_struct.pdbx_model_type_details   ? 
# 
_struct_keywords.entry_id        1XWC 
_struct_keywords.pdbx_keywords   'ELECTRON TRANSPORT' 
_struct_keywords.text            
'Dimerization, Drosophila melanogaster, redox regulation, thioredoxin, x-ray crystal structure, ELECTRON TRANSPORT' 
# 
loop_
_struct_asym.id 
_struct_asym.pdbx_blank_PDB_chainid_flag 
_struct_asym.pdbx_modified 
_struct_asym.entity_id 
_struct_asym.details 
A N N 1 ? 
B N N 2 ? 
# 
_struct_biol.id        1 
_struct_biol.details   ? 
# 
loop_
_struct_conf.conf_type_id 
_struct_conf.id 
_struct_conf.pdbx_PDB_helix_id 
_struct_conf.beg_label_comp_id 
_struct_conf.beg_label_asym_id 
_struct_conf.beg_label_seq_id 
_struct_conf.pdbx_beg_PDB_ins_code 
_struct_conf.end_label_comp_id 
_struct_conf.end_label_asym_id 
_struct_conf.end_label_seq_id 
_struct_conf.pdbx_end_PDB_ins_code 
_struct_conf.beg_auth_comp_id 
_struct_conf.beg_auth_asym_id 
_struct_conf.beg_auth_seq_id 
_struct_conf.end_auth_comp_id 
_struct_conf.end_auth_asym_id 
_struct_conf.end_auth_seq_id 
_struct_conf.pdbx_PDB_helix_class 
_struct_conf.details 
_struct_conf.pdbx_PDB_helix_length 
HELX_P HELX_P1 1 ASP A 7  ? ALA A 18  ? ASP A 7  ALA A 18  1 ? 12 
HELX_P HELX_P2 2 CYS A 32 ? PHE A 49  ? CYS A 32 PHE A 49  1 ? 18 
HELX_P HELX_P3 3 CYS A 63 ? TYR A 70  ? CYS A 63 TYR A 70  1 ? 8  
HELX_P HELX_P4 4 ASN A 94 ? ASN A 105 ? ASN A 94 ASN A 105 1 ? 12 
# 
_struct_conf_type.id          HELX_P 
_struct_conf_type.criteria    ? 
_struct_conf_type.reference   ? 
# 
_struct_mon_prot_cis.pdbx_id                1 
_struct_mon_prot_cis.label_comp_id          MET 
_struct_mon_prot_cis.label_seq_id           75 
_struct_mon_prot_cis.label_asym_id          A 
_struct_mon_prot_cis.label_alt_id           . 
_struct_mon_prot_cis.pdbx_PDB_ins_code      ? 
_struct_mon_prot_cis.auth_comp_id           MET 
_struct_mon_prot_cis.auth_seq_id            75 
_struct_mon_prot_cis.auth_asym_id           A 
_struct_mon_prot_cis.pdbx_label_comp_id_2   PRO 
_struct_mon_prot_cis.pdbx_label_seq_id_2    76 
_struct_mon_prot_cis.pdbx_label_asym_id_2   A 
_struct_mon_prot_cis.pdbx_PDB_ins_code_2    ? 
_struct_mon_prot_cis.pdbx_auth_comp_id_2    PRO 
_struct_mon_prot_cis.pdbx_auth_seq_id_2     76 
_struct_mon_prot_cis.pdbx_auth_asym_id_2    A 
_struct_mon_prot_cis.pdbx_PDB_model_num     1 
_struct_mon_prot_cis.pdbx_omega_angle       -0.32 
# 
_struct_sheet.id               A 
_struct_sheet.type             ? 
_struct_sheet.number_strands   5 
_struct_sheet.details          ? 
# 
loop_
_struct_sheet_order.sheet_id 
_struct_sheet_order.range_id_1 
_struct_sheet_order.range_id_2 
_struct_sheet_order.offset 
_struct_sheet_order.sense 
A 1 2 ? parallel      
A 2 3 ? parallel      
A 3 4 ? anti-parallel 
A 4 5 ? anti-parallel 
# 
loop_
_struct_sheet_range.sheet_id 
_struct_sheet_range.id 
_struct_sheet_range.beg_label_comp_id 
_struct_sheet_range.beg_label_asym_id 
_struct_sheet_range.beg_label_seq_id 
_struct_sheet_range.pdbx_beg_PDB_ins_code 
_struct_sheet_range.end_label_comp_id 
_struct_sheet_range.end_label_asym_id 
_struct_sheet_range.end_label_seq_id 
_struct_sheet_range.pdbx_end_PDB_ins_code 
_struct_sheet_range.beg_auth_comp_id 
_struct_sheet_range.beg_auth_asym_id 
_struct_sheet_range.beg_auth_seq_id 
_struct_sheet_range.end_auth_comp_id 
_struct_sheet_range.end_auth_asym_id 
_struct_sheet_range.end_auth_seq_id 
A 1 TYR A 3  ? GLN A 4  ? TYR A 3  GLN A 4  
A 2 VAL A 53 ? ASP A 59 ? VAL A 53 ASP A 59 
A 3 LEU A 22 ? PHE A 28 ? LEU A 22 PHE A 28 
A 4 THR A 77 ? LYS A 82 ? THR A 77 LYS A 82 
A 5 VAL A 85 ? ALA A 91 ? VAL A 85 ALA A 91 
# 
loop_
_pdbx_struct_sheet_hbond.sheet_id 
_pdbx_struct_sheet_hbond.range_id_1 
_pdbx_struct_sheet_hbond.range_id_2 
_pdbx_struct_sheet_hbond.range_1_label_atom_id 
_pdbx_struct_sheet_hbond.range_1_label_comp_id 
_pdbx_struct_sheet_hbond.range_1_label_asym_id 
_pdbx_struct_sheet_hbond.range_1_label_seq_id 
_pdbx_struct_sheet_hbond.range_1_PDB_ins_code 
_pdbx_struct_sheet_hbond.range_1_auth_atom_id 
_pdbx_struct_sheet_hbond.range_1_auth_comp_id 
_pdbx_struct_sheet_hbond.range_1_auth_asym_id 
_pdbx_struct_sheet_hbond.range_1_auth_seq_id 
_pdbx_struct_sheet_hbond.range_2_label_atom_id 
_pdbx_struct_sheet_hbond.range_2_label_comp_id 
_pdbx_struct_sheet_hbond.range_2_label_asym_id 
_pdbx_struct_sheet_hbond.range_2_label_seq_id 
_pdbx_struct_sheet_hbond.range_2_PDB_ins_code 
_pdbx_struct_sheet_hbond.range_2_auth_atom_id 
_pdbx_struct_sheet_hbond.range_2_auth_comp_id 
_pdbx_struct_sheet_hbond.range_2_auth_asym_id 
_pdbx_struct_sheet_hbond.range_2_auth_seq_id 
A 1 2 N TYR A 3  ? N TYR A 3  O LYS A 57 ? O LYS A 57 
A 2 3 O VAL A 58 ? O VAL A 58 N ASP A 26 ? N ASP A 26 
A 3 4 N VAL A 23 ? N VAL A 23 O LEU A 81 ? O LEU A 81 
A 4 5 N PHE A 80 ? N PHE A 80 O GLU A 88 ? O GLU A 88 
# 
_atom_sites.entry_id                    1XWC 
_atom_sites.fract_transf_matrix[1][1]   -0.02176025 
_atom_sites.fract_transf_matrix[1][2]   -0.00116710 
_atom_sites.fract_transf_matrix[1][3]   0.00078131 
_atom_sites.fract_transf_matrix[2][1]   -0.00977825 
_atom_sites.fract_transf_matrix[2][2]   -0.01921626 
_atom_sites.fract_transf_matrix[2][3]   0.00325926 
_atom_sites.fract_transf_matrix[3][1]   0.00017801 
_atom_sites.fract_transf_matrix[3][2]   0.00100490 
_atom_sites.fract_transf_matrix[3][3]   0.00645887 
_atom_sites.fract_transf_vector[1]      0.086299 
_atom_sites.fract_transf_vector[2]      0.682465 
_atom_sites.fract_transf_vector[3]      0.261938 
# 
loop_
_atom_type.symbol 
C 
N 
O 
S 
# 
loop_
_atom_site.group_PDB 
_atom_site.id 
_atom_site.type_symbol 
_atom_site.label_atom_id 
_atom_site.label_alt_id 
_atom_site.label_comp_id 
_atom_site.label_asym_id 
_atom_site.label_entity_id 
_atom_site.label_seq_id 
_atom_site.pdbx_PDB_ins_code 
_atom_site.Cartn_x 
_atom_site.Cartn_y 
_atom_site.Cartn_z 
_atom_site.occupancy 
_atom_site.B_iso_or_equiv 
_atom_site.pdbx_formal_charge 
_atom_site.auth_seq_id 
_atom_site.auth_comp_id 
_atom_site.auth_asym_id 
_atom_site.auth_atom_id 
_atom_site.pdbx_PDB_model_num 
ATOM   1   N N   . MET A 1 1   ? -9.623  8.300   3.901   1.00 85.37  ? 1   MET A N   1 
ATOM   2   C CA  . MET A 1 1   ? -9.060  7.134   4.655   1.00 85.51  ? 1   MET A CA  1 
ATOM   3   C C   . MET A 1 1   ? -8.132  6.239   3.808   1.00 83.79  ? 1   MET A C   1 
ATOM   4   O O   . MET A 1 1   ? -7.978  5.056   4.092   1.00 84.28  ? 1   MET A O   1 
ATOM   5   C CB  . MET A 1 1   ? -10.214 6.308   5.248   1.00 88.19  ? 1   MET A CB  1 
ATOM   6   C CG  . MET A 1 1   ? -9.781  5.253   6.262   1.00 91.27  ? 1   MET A CG  1 
ATOM   7   S SD  . MET A 1 1   ? -10.245 5.632   7.969   1.00 98.64  ? 1   MET A SD  1 
ATOM   8   C CE  . MET A 1 1   ? -8.665  6.143   8.695   1.00 95.21  ? 1   MET A CE  1 
ATOM   9   N N   . VAL A 1 2   ? -7.524  6.820   2.775   1.00 80.66  ? 2   VAL A N   1 
ATOM   10  C CA  . VAL A 1 2   ? -6.593  6.121   1.891   1.00 76.31  ? 2   VAL A CA  1 
ATOM   11  C C   . VAL A 1 2   ? -5.705  7.211   1.321   1.00 74.87  ? 2   VAL A C   1 
ATOM   12  O O   . VAL A 1 2   ? -5.890  7.668   0.194   1.00 74.71  ? 2   VAL A O   1 
ATOM   13  C CB  . VAL A 1 2   ? -7.332  5.384   0.738   1.00 75.86  ? 2   VAL A CB  1 
ATOM   14  C CG1 . VAL A 1 2   ? -6.326  4.781   -0.254  1.00 75.60  ? 2   VAL A CG1 1 
ATOM   15  C CG2 . VAL A 1 2   ? -8.192  4.259   1.287   1.00 74.81  ? 2   VAL A CG2 1 
ATOM   16  N N   . TYR A 1 3   ? -4.757  7.641   2.145   1.00 72.00  ? 3   TYR A N   1 
ATOM   17  C CA  . TYR A 1 3   ? -3.824  8.698   1.784   1.00 70.23  ? 3   TYR A CA  1 
ATOM   18  C C   . TYR A 1 3   ? -2.950  8.349   0.594   1.00 68.24  ? 3   TYR A C   1 
ATOM   19  O O   . TYR A 1 3   ? -2.458  7.229   0.479   1.00 67.94  ? 3   TYR A O   1 
ATOM   20  C CB  . TYR A 1 3   ? -2.899  9.037   2.963   1.00 71.02  ? 3   TYR A CB  1 
ATOM   21  C CG  . TYR A 1 3   ? -2.029  10.261  2.723   1.00 71.79  ? 3   TYR A CG  1 
ATOM   22  C CD1 . TYR A 1 3   ? -0.659  10.256  3.009   1.00 72.68  ? 3   TYR A CD1 1 
ATOM   23  C CD2 . TYR A 1 3   ? -2.583  11.428  2.205   1.00 73.67  ? 3   TYR A CD2 1 
ATOM   24  C CE1 . TYR A 1 3   ? 0.133   11.396  2.778   1.00 74.22  ? 3   TYR A CE1 1 
ATOM   25  C CE2 . TYR A 1 3   ? -1.809  12.563  1.972   1.00 74.77  ? 3   TYR A CE2 1 
ATOM   26  C CZ  . TYR A 1 3   ? -0.458  12.544  2.255   1.00 75.33  ? 3   TYR A CZ  1 
ATOM   27  O OH  . TYR A 1 3   ? 0.279   13.679  1.998   1.00 77.57  ? 3   TYR A OH  1 
ATOM   28  N N   . GLN A 1 4   ? -2.756  9.324   -0.286  1.00 67.16  ? 4   GLN A N   1 
ATOM   29  C CA  . GLN A 1 4   ? -1.921  9.156   -1.464  1.00 65.81  ? 4   GLN A CA  1 
ATOM   30  C C   . GLN A 1 4   ? -0.700  10.046  -1.257  1.00 64.99  ? 4   GLN A C   1 
ATOM   31  O O   . GLN A 1 4   ? -0.832  11.265  -1.208  1.00 64.96  ? 4   GLN A O   1 
ATOM   32  C CB  . GLN A 1 4   ? -2.685  9.589   -2.719  1.00 65.73  ? 4   GLN A CB  1 
ATOM   33  C CG  . GLN A 1 4   ? -1.964  9.244   -4.013  1.00 67.63  ? 4   GLN A CG  1 
ATOM   34  C CD  . GLN A 1 4   ? -2.785  9.553   -5.254  1.00 68.45  ? 4   GLN A CD  1 
ATOM   35  O OE1 . GLN A 1 4   ? -3.968  9.214   -5.331  1.00 68.07  ? 4   GLN A OE1 1 
ATOM   36  N NE2 . GLN A 1 4   ? -2.156  10.189  -6.237  1.00 68.06  ? 4   GLN A NE2 1 
ATOM   37  N N   . VAL A 1 5   ? 0.480   9.438   -1.119  1.00 64.10  ? 5   VAL A N   1 
ATOM   38  C CA  . VAL A 1 5   ? 1.715   10.195  -0.906  1.00 64.92  ? 5   VAL A CA  1 
ATOM   39  C C   . VAL A 1 5   ? 2.076   11.091  -2.095  1.00 66.44  ? 5   VAL A C   1 
ATOM   40  O O   . VAL A 1 5   ? 1.630   10.859  -3.223  1.00 66.50  ? 5   VAL A O   1 
ATOM   41  C CB  . VAL A 1 5   ? 2.909   9.262   -0.617  1.00 64.93  ? 5   VAL A CB  1 
ATOM   42  C CG1 . VAL A 1 5   ? 2.599   8.382   0.571   1.00 65.30  ? 5   VAL A CG1 1 
ATOM   43  C CG2 . VAL A 1 5   ? 3.218   8.426   -1.827  1.00 65.24  ? 5   VAL A CG2 1 
ATOM   44  N N   . LYS A 1 6   ? 2.894   12.111  -1.837  1.00 66.57  ? 6   LYS A N   1 
ATOM   45  C CA  . LYS A 1 6   ? 3.292   13.051  -2.879  1.00 65.79  ? 6   LYS A CA  1 
ATOM   46  C C   . LYS A 1 6   ? 4.734   12.848  -3.313  1.00 64.13  ? 6   LYS A C   1 
ATOM   47  O O   . LYS A 1 6   ? 5.099   13.167  -4.445  1.00 65.59  ? 6   LYS A O   1 
ATOM   48  C CB  . LYS A 1 6   ? 3.094   14.487  -2.383  1.00 67.99  ? 6   LYS A CB  1 
ATOM   49  C CG  . LYS A 1 6   ? 1.675   14.779  -1.920  1.00 70.35  ? 6   LYS A CG  1 
ATOM   50  C CD  . LYS A 1 6   ? 1.579   16.115  -1.189  1.00 74.40  ? 6   LYS A CD  1 
ATOM   51  C CE  . LYS A 1 6   ? 0.144   16.399  -0.722  1.00 76.51  ? 6   LYS A CE  1 
ATOM   52  N NZ  . LYS A 1 6   ? 0.015   17.662  0.072   1.00 75.31  ? 6   LYS A NZ  1 
ATOM   53  N N   . ASP A 1 7   ? 5.556   12.312  -2.421  1.00 61.80  ? 7   ASP A N   1 
ATOM   54  C CA  . ASP A 1 7   ? 6.959   12.088  -2.749  1.00 61.36  ? 7   ASP A CA  1 
ATOM   55  C C   . ASP A 1 7   ? 7.651   11.293  -1.655  1.00 59.43  ? 7   ASP A C   1 
ATOM   56  O O   . ASP A 1 7   ? 7.036   10.976  -0.641  1.00 59.93  ? 7   ASP A O   1 
ATOM   57  C CB  . ASP A 1 7   ? 7.666   13.434  -2.959  1.00 64.68  ? 7   ASP A CB  1 
ATOM   58  C CG  . ASP A 1 7   ? 7.782   14.257  -1.677  1.00 67.09  ? 7   ASP A CG  1 
ATOM   59  O OD1 . ASP A 1 7   ? 6.773   14.414  -0.953  1.00 66.32  ? 7   ASP A OD1 1 
ATOM   60  O OD2 . ASP A 1 7   ? 8.894   14.762  -1.405  1.00 68.75  ? 7   ASP A OD2 1 
ATOM   61  N N   . LYS A 1 8   ? 8.921   10.957  -1.865  1.00 58.47  ? 8   LYS A N   1 
ATOM   62  C CA  . LYS A 1 8   ? 9.674   10.188  -0.877  1.00 59.18  ? 8   LYS A CA  1 
ATOM   63  C C   . LYS A 1 8   ? 9.525   10.821  0.500   1.00 58.99  ? 8   LYS A C   1 
ATOM   64  O O   . LYS A 1 8   ? 9.370   10.126  1.505   1.00 58.61  ? 8   LYS A O   1 
ATOM   65  C CB  . LYS A 1 8   ? 11.157  10.127  -1.252  1.00 60.42  ? 8   LYS A CB  1 
ATOM   66  C CG  . LYS A 1 8   ? 12.075  9.676   -0.110  1.00 62.02  ? 8   LYS A CG  1 
ATOM   67  C CD  . LYS A 1 8   ? 12.385  8.187   -0.138  1.00 62.51  ? 8   LYS A CD  1 
ATOM   68  C CE  . LYS A 1 8   ? 13.373  7.852   -1.250  1.00 64.62  ? 8   LYS A CE  1 
ATOM   69  N NZ  . LYS A 1 8   ? 12.853  8.151   -2.622  1.00 64.54  ? 8   LYS A NZ  1 
ATOM   70  N N   . ALA A 1 9   ? 9.570   12.148  0.533   1.00 58.63  ? 9   ALA A N   1 
ATOM   71  C CA  . ALA A 1 9   ? 9.442   12.891  1.779   1.00 59.40  ? 9   ALA A CA  1 
ATOM   72  C C   . ALA A 1 9   ? 8.106   12.629  2.461   1.00 58.41  ? 9   ALA A C   1 
ATOM   73  O O   . ALA A 1 9   ? 8.057   12.262  3.635   1.00 57.79  ? 9   ALA A O   1 
ATOM   74  C CB  . ALA A 1 9   ? 9.607   14.385  1.515   1.00 60.75  ? 9   ALA A CB  1 
ATOM   75  N N   . ASP A 1 10  ? 7.024   12.830  1.719   1.00 58.22  ? 10  ASP A N   1 
ATOM   76  C CA  . ASP A 1 10  ? 5.684   12.608  2.246   1.00 56.94  ? 10  ASP A CA  1 
ATOM   77  C C   . ASP A 1 10  ? 5.509   11.150  2.683   1.00 55.80  ? 10  ASP A C   1 
ATOM   78  O O   . ASP A 1 10  ? 4.765   10.858  3.625   1.00 56.02  ? 10  ASP A O   1 
ATOM   79  C CB  . ASP A 1 10  ? 4.649   12.973  1.182   1.00 55.85  ? 10  ASP A CB  1 
ATOM   80  C CG  . ASP A 1 10  ? 3.235   12.931  1.707   1.00 56.38  ? 10  ASP A CG  1 
ATOM   81  O OD1 . ASP A 1 10  ? 3.052   12.930  2.941   1.00 56.22  ? 10  ASP A OD1 1 
ATOM   82  O OD2 . ASP A 1 10  ? 2.303   12.920  0.877   1.00 56.81  ? 10  ASP A OD2 1 
ATOM   83  N N   . LEU A 1 11  ? 6.199   10.238  2.002   1.00 54.24  ? 11  LEU A N   1 
ATOM   84  C CA  . LEU A 1 11  ? 6.110   8.822   2.343   1.00 54.01  ? 11  LEU A CA  1 
ATOM   85  C C   . LEU A 1 11  ? 6.878   8.530   3.621   1.00 54.37  ? 11  LEU A C   1 
ATOM   86  O O   . LEU A 1 11  ? 6.329   7.955   4.562   1.00 53.46  ? 11  LEU A O   1 
ATOM   87  C CB  . LEU A 1 11  ? 6.659   7.943   1.215   1.00 52.86  ? 11  LEU A CB  1 
ATOM   88  C CG  . LEU A 1 11  ? 6.746   6.457   1.587   1.00 52.32  ? 11  LEU A CG  1 
ATOM   89  C CD1 . LEU A 1 11  ? 5.353   5.903   1.842   1.00 52.43  ? 11  LEU A CD1 1 
ATOM   90  C CD2 . LEU A 1 11  ? 7.412   5.684   0.477   1.00 53.58  ? 11  LEU A CD2 1 
ATOM   91  N N   . ASP A 1 12  ? 8.149   8.931   3.656   1.00 55.19  ? 12  ASP A N   1 
ATOM   92  C CA  . ASP A 1 12  ? 8.983   8.697   4.830   1.00 56.25  ? 12  ASP A CA  1 
ATOM   93  C C   . ASP A 1 12  ? 8.359   9.262   6.095   1.00 55.40  ? 12  ASP A C   1 
ATOM   94  O O   . ASP A 1 12  ? 8.373   8.613   7.138   1.00 55.01  ? 12  ASP A O   1 
ATOM   95  C CB  . ASP A 1 12  ? 10.376  9.296   4.629   1.00 59.92  ? 12  ASP A CB  1 
ATOM   96  C CG  . ASP A 1 12  ? 11.223  8.491   3.655   1.00 64.24  ? 12  ASP A CG  1 
ATOM   97  O OD1 . ASP A 1 12  ? 12.299  8.986   3.262   1.00 68.65  ? 12  ASP A OD1 1 
ATOM   98  O OD2 . ASP A 1 12  ? 10.818  7.365   3.287   1.00 64.53  ? 12  ASP A OD2 1 
ATOM   99  N N   . GLY A 1 13  ? 7.803   10.465  6.005   1.00 54.05  ? 13  GLY A N   1 
ATOM   100 C CA  . GLY A 1 13  ? 7.194   11.059  7.178   1.00 54.31  ? 13  GLY A CA  1 
ATOM   101 C C   . GLY A 1 13  ? 6.027   10.225  7.653   1.00 54.71  ? 13  GLY A C   1 
ATOM   102 O O   . GLY A 1 13  ? 5.795   10.080  8.850   1.00 54.75  ? 13  GLY A O   1 
ATOM   103 N N   . GLN A 1 14  ? 5.299   9.664   6.692   1.00 56.56  ? 14  GLN A N   1 
ATOM   104 C CA  . GLN A 1 14  ? 4.133   8.830   6.964   1.00 55.38  ? 14  GLN A CA  1 
ATOM   105 C C   . GLN A 1 14  ? 4.510   7.520   7.658   1.00 54.81  ? 14  GLN A C   1 
ATOM   106 O O   . GLN A 1 14  ? 3.808   7.067   8.563   1.00 53.23  ? 14  GLN A O   1 
ATOM   107 C CB  . GLN A 1 14  ? 3.406   8.537   5.653   1.00 57.74  ? 14  GLN A CB  1 
ATOM   108 C CG  . GLN A 1 14  ? 1.898   8.652   5.730   1.00 61.98  ? 14  GLN A CG  1 
ATOM   109 C CD  . GLN A 1 14  ? 1.439   10.033  6.162   1.00 64.35  ? 14  GLN A CD  1 
ATOM   110 O OE1 . GLN A 1 14  ? 1.850   11.046  5.591   1.00 67.38  ? 14  GLN A OE1 1 
ATOM   111 N NE2 . GLN A 1 14  ? 0.577   10.080  7.172   1.00 64.65  ? 14  GLN A NE2 1 
ATOM   112 N N   . LEU A 1 15  ? 5.617   6.912   7.241   1.00 54.55  ? 15  LEU A N   1 
ATOM   113 C CA  . LEU A 1 15  ? 6.054   5.663   7.852   1.00 54.48  ? 15  LEU A CA  1 
ATOM   114 C C   . LEU A 1 15  ? 6.441   5.905   9.299   1.00 56.46  ? 15  LEU A C   1 
ATOM   115 O O   . LEU A 1 15  ? 6.097   5.123   10.185  1.00 57.15  ? 15  LEU A O   1 
ATOM   116 C CB  . LEU A 1 15  ? 7.247   5.072   7.102   1.00 52.78  ? 15  LEU A CB  1 
ATOM   117 C CG  . LEU A 1 15  ? 7.009   4.617   5.665   1.00 53.22  ? 15  LEU A CG  1 
ATOM   118 C CD1 . LEU A 1 15  ? 8.272   3.968   5.120   1.00 48.57  ? 15  LEU A CD1 1 
ATOM   119 C CD2 . LEU A 1 15  ? 5.842   3.638   5.631   1.00 50.92  ? 15  LEU A CD2 1 
ATOM   120 N N   . THR A 1 16  ? 7.170   6.992   9.530   1.00 59.27  ? 16  THR A N   1 
ATOM   121 C CA  . THR A 1 16  ? 7.616   7.366   10.869  1.00 61.52  ? 16  THR A CA  1 
ATOM   122 C C   . THR A 1 16  ? 6.422   7.618   11.780  1.00 62.33  ? 16  THR A C   1 
ATOM   123 O O   . THR A 1 16  ? 6.358   7.125   12.907  1.00 62.33  ? 16  THR A O   1 
ATOM   124 C CB  . THR A 1 16  ? 8.483   8.645   10.809  1.00 62.90  ? 16  THR A CB  1 
ATOM   125 O OG1 . THR A 1 16  ? 9.826   8.291   10.456  1.00 62.86  ? 16  THR A OG1 1 
ATOM   126 C CG2 . THR A 1 16  ? 8.472   9.375   12.143  1.00 63.99  ? 16  THR A CG2 1 
ATOM   127 N N   . LYS A 1 17  ? 5.478   8.390   11.261  1.00 64.20  ? 17  LYS A N   1 
ATOM   128 C CA  . LYS A 1 17  ? 4.265   8.756   11.974  1.00 65.27  ? 17  LYS A CA  1 
ATOM   129 C C   . LYS A 1 17  ? 3.337   7.567   12.197  1.00 66.29  ? 17  LYS A C   1 
ATOM   130 O O   . LYS A 1 17  ? 2.476   7.608   13.071  1.00 67.15  ? 17  LYS A O   1 
ATOM   131 C CB  . LYS A 1 17  ? 3.526   9.828   11.174  1.00 66.90  ? 17  LYS A CB  1 
ATOM   132 C CG  . LYS A 1 17  ? 2.276   10.369  11.833  1.00 70.59  ? 17  LYS A CG  1 
ATOM   133 C CD  . LYS A 1 17  ? 1.456   11.225  10.860  1.00 73.55  ? 17  LYS A CD  1 
ATOM   134 C CE  . LYS A 1 17  ? 2.241   12.420  10.324  1.00 74.46  ? 17  LYS A CE  1 
ATOM   135 N NZ  . LYS A 1 17  ? 1.382   13.306  9.484   1.00 75.33  ? 17  LYS A NZ  1 
ATOM   136 N N   . ALA A 1 18  ? 3.513   6.506   11.413  1.00 67.05  ? 18  ALA A N   1 
ATOM   137 C CA  . ALA A 1 18  ? 2.647   5.336   11.523  1.00 67.27  ? 18  ALA A CA  1 
ATOM   138 C C   . ALA A 1 18  ? 2.904   4.439   12.729  1.00 67.72  ? 18  ALA A C   1 
ATOM   139 O O   . ALA A 1 18  ? 2.585   3.249   12.701  1.00 69.11  ? 18  ALA A O   1 
ATOM   140 C CB  . ALA A 1 18  ? 2.707   4.520   10.239  1.00 67.44  ? 18  ALA A CB  1 
ATOM   141 N N   . SER A 1 19  ? 3.478   5.012   13.781  1.00 67.07  ? 19  SER A N   1 
ATOM   142 C CA  . SER A 1 19  ? 3.746   4.298   15.028  1.00 65.10  ? 19  SER A CA  1 
ATOM   143 C C   . SER A 1 19  ? 3.864   2.775   14.896  1.00 62.63  ? 19  SER A C   1 
ATOM   144 O O   . SER A 1 19  ? 4.737   2.273   14.191  1.00 62.95  ? 19  SER A O   1 
ATOM   145 C CB  . SER A 1 19  ? 2.648   4.649   16.038  1.00 67.93  ? 19  SER A CB  1 
ATOM   146 O OG  . SER A 1 19  ? 2.864   4.025   17.295  1.00 72.80  ? 19  SER A OG  1 
ATOM   147 N N   . GLY A 1 20  ? 2.984   2.044   15.578  1.00 60.22  ? 20  GLY A N   1 
ATOM   148 C CA  . GLY A 1 20  ? 3.026   0.590   15.526  1.00 57.25  ? 20  GLY A CA  1 
ATOM   149 C C   . GLY A 1 20  ? 1.906   -0.064  14.726  1.00 56.35  ? 20  GLY A C   1 
ATOM   150 O O   . GLY A 1 20  ? 1.484   -1.179  15.030  1.00 56.69  ? 20  GLY A O   1 
ATOM   151 N N   . LYS A 1 21  ? 1.426   0.630   13.697  1.00 53.66  ? 21  LYS A N   1 
ATOM   152 C CA  . LYS A 1 21  ? 0.358   0.123   12.845  1.00 51.53  ? 21  LYS A CA  1 
ATOM   153 C C   . LYS A 1 21  ? 0.919   -0.603  11.628  1.00 48.93  ? 21  LYS A C   1 
ATOM   154 O O   . LYS A 1 21  ? 2.088   -0.435  11.267  1.00 49.39  ? 21  LYS A O   1 
ATOM   155 C CB  . LYS A 1 21  ? -0.508  1.278   12.347  1.00 53.21  ? 21  LYS A CB  1 
ATOM   156 C CG  . LYS A 1 21  ? -1.005  2.207   13.430  1.00 56.27  ? 21  LYS A CG  1 
ATOM   157 C CD  . LYS A 1 21  ? -1.758  3.370   12.818  1.00 58.57  ? 21  LYS A CD  1 
ATOM   158 C CE  . LYS A 1 21  ? -2.236  4.337   13.883  1.00 61.19  ? 21  LYS A CE  1 
ATOM   159 N NZ  . LYS A 1 21  ? -2.846  5.541   13.267  1.00 64.09  ? 21  LYS A NZ  1 
ATOM   160 N N   . LEU A 1 22  ? 0.080   -1.407  10.991  1.00 45.37  ? 22  LEU A N   1 
ATOM   161 C CA  . LEU A 1 22  ? 0.497   -2.119  9.793   1.00 41.85  ? 22  LEU A CA  1 
ATOM   162 C C   . LEU A 1 22  ? 0.356   -1.120  8.651   1.00 39.76  ? 22  LEU A C   1 
ATOM   163 O O   . LEU A 1 22  ? -0.693  -0.496  8.495   1.00 38.38  ? 22  LEU A O   1 
ATOM   164 C CB  . LEU A 1 22  ? -0.407  -3.322  9.527   1.00 41.20  ? 22  LEU A CB  1 
ATOM   165 C CG  . LEU A 1 22  ? -0.049  -4.125  8.274   1.00 41.04  ? 22  LEU A CG  1 
ATOM   166 C CD1 . LEU A 1 22  ? 1.300   -4.809  8.496   1.00 41.73  ? 22  LEU A CD1 1 
ATOM   167 C CD2 . LEU A 1 22  ? -1.127  -5.158  7.976   1.00 38.04  ? 22  LEU A CD2 1 
ATOM   168 N N   . VAL A 1 23  ? 1.413   -0.965  7.860   1.00 38.81  ? 23  VAL A N   1 
ATOM   169 C CA  . VAL A 1 23  ? 1.389   -0.037  6.741   1.00 37.76  ? 23  VAL A CA  1 
ATOM   170 C C   . VAL A 1 23  ? 1.334   -0.778  5.424   1.00 36.86  ? 23  VAL A C   1 
ATOM   171 O O   . VAL A 1 23  ? 2.172   -1.638  5.133   1.00 37.21  ? 23  VAL A O   1 
ATOM   172 C CB  . VAL A 1 23  ? 2.629   0.886   6.730   1.00 37.57  ? 23  VAL A CB  1 
ATOM   173 C CG1 . VAL A 1 23  ? 2.583   1.796   5.522   1.00 37.24  ? 23  VAL A CG1 1 
ATOM   174 C CG2 . VAL A 1 23  ? 2.675   1.712   8.003   1.00 36.14  ? 23  VAL A CG2 1 
ATOM   175 N N   . VAL A 1 24  ? 0.341   -0.429  4.620   1.00 35.03  ? 24  VAL A N   1 
ATOM   176 C CA  . VAL A 1 24  ? 0.181   -1.060  3.331   1.00 32.92  ? 24  VAL A CA  1 
ATOM   177 C C   . VAL A 1 24  ? 0.464   -0.069  2.238   1.00 32.73  ? 24  VAL A C   1 
ATOM   178 O O   . VAL A 1 24  ? -0.216  0.945   2.132   1.00 34.19  ? 24  VAL A O   1 
ATOM   179 C CB  . VAL A 1 24  ? -1.251  -1.596  3.134   1.00 31.48  ? 24  VAL A CB  1 
ATOM   180 C CG1 . VAL A 1 24  ? -1.313  -2.443  1.862   1.00 32.96  ? 24  VAL A CG1 1 
ATOM   181 C CG2 . VAL A 1 24  ? -1.667  -2.406  4.332   1.00 31.42  ? 24  VAL A CG2 1 
ATOM   182 N N   . LEU A 1 25  ? 1.480   -0.351  1.432   1.00 33.67  ? 25  LEU A N   1 
ATOM   183 C CA  . LEU A 1 25  ? 1.807   0.519   0.321   1.00 33.19  ? 25  LEU A CA  1 
ATOM   184 C C   . LEU A 1 25  ? 1.159   -0.045  -0.928  1.00 33.38  ? 25  LEU A C   1 
ATOM   185 O O   . LEU A 1 25  ? 1.398   -1.183  -1.311  1.00 34.48  ? 25  LEU A O   1 
ATOM   186 C CB  . LEU A 1 25  ? 3.315   0.600   0.100   1.00 36.04  ? 25  LEU A CB  1 
ATOM   187 C CG  . LEU A 1 25  ? 4.210   1.073   1.240   1.00 36.43  ? 25  LEU A CG  1 
ATOM   188 C CD1 . LEU A 1 25  ? 5.602   1.337   0.675   1.00 37.47  ? 25  LEU A CD1 1 
ATOM   189 C CD2 . LEU A 1 25  ? 3.647   2.331   1.857   1.00 39.64  ? 25  LEU A CD2 1 
ATOM   190 N N   . ASP A 1 26  ? 0.324   0.757   -1.560  1.00 35.06  ? 26  ASP A N   1 
ATOM   191 C CA  . ASP A 1 26  ? -0.343  0.336   -2.771  1.00 34.70  ? 26  ASP A CA  1 
ATOM   192 C C   . ASP A 1 26  ? 0.288   1.075   -3.954  1.00 35.20  ? 26  ASP A C   1 
ATOM   193 O O   . ASP A 1 26  ? 0.046   2.261   -4.148  1.00 35.56  ? 26  ASP A O   1 
ATOM   194 C CB  . ASP A 1 26  ? -1.837  0.654   -2.659  1.00 36.58  ? 26  ASP A CB  1 
ATOM   195 C CG  . ASP A 1 26  ? -2.605  0.388   -3.950  1.00 38.53  ? 26  ASP A CG  1 
ATOM   196 O OD1 . ASP A 1 26  ? -2.044  -0.190  -4.905  1.00 40.83  ? 26  ASP A OD1 1 
ATOM   197 O OD2 . ASP A 1 26  ? -3.791  0.759   -4.006  1.00 42.10  ? 26  ASP A OD2 1 
ATOM   198 N N   . PHE A 1 27  ? 1.098   0.366   -4.732  1.00 34.69  ? 27  PHE A N   1 
ATOM   199 C CA  . PHE A 1 27  ? 1.758   0.929   -5.906  1.00 35.72  ? 27  PHE A CA  1 
ATOM   200 C C   . PHE A 1 27  ? 0.841   0.717   -7.102  1.00 38.92  ? 27  PHE A C   1 
ATOM   201 O O   . PHE A 1 27  ? 0.694   -0.410  -7.599  1.00 38.98  ? 27  PHE A O   1 
ATOM   202 C CB  . PHE A 1 27  ? 3.093   0.224   -6.146  1.00 34.78  ? 27  PHE A CB  1 
ATOM   203 C CG  . PHE A 1 27  ? 4.157   0.590   -5.148  1.00 36.57  ? 27  PHE A CG  1 
ATOM   204 C CD1 . PHE A 1 27  ? 4.920   1.739   -5.319  1.00 35.42  ? 27  PHE A CD1 1 
ATOM   205 C CD2 . PHE A 1 27  ? 4.390   -0.205  -4.028  1.00 35.33  ? 27  PHE A CD2 1 
ATOM   206 C CE1 . PHE A 1 27  ? 5.903   2.093   -4.388  1.00 36.70  ? 27  PHE A CE1 1 
ATOM   207 C CE2 . PHE A 1 27  ? 5.375   0.147   -3.092  1.00 35.94  ? 27  PHE A CE2 1 
ATOM   208 C CZ  . PHE A 1 27  ? 6.128   1.294   -3.275  1.00 33.64  ? 27  PHE A CZ  1 
ATOM   209 N N   . PHE A 1 28  ? 0.238   1.797   -7.579  1.00 39.33  ? 28  PHE A N   1 
ATOM   210 C CA  . PHE A 1 28  ? -0.695  1.685   -8.685  1.00 41.94  ? 28  PHE A CA  1 
ATOM   211 C C   . PHE A 1 28  ? -0.447  2.658   -9.829  1.00 43.47  ? 28  PHE A C   1 
ATOM   212 O O   . PHE A 1 28  ? 0.474   3.472   -9.793  1.00 43.00  ? 28  PHE A O   1 
ATOM   213 C CB  . PHE A 1 28  ? -2.110  1.887   -8.159  1.00 41.74  ? 28  PHE A CB  1 
ATOM   214 C CG  . PHE A 1 28  ? -2.465  3.321   -7.940  1.00 43.56  ? 28  PHE A CG  1 
ATOM   215 C CD1 . PHE A 1 28  ? -3.281  3.993   -8.851  1.00 45.07  ? 28  PHE A CD1 1 
ATOM   216 C CD2 . PHE A 1 28  ? -1.962  4.016   -6.848  1.00 44.98  ? 28  PHE A CD2 1 
ATOM   217 C CE1 . PHE A 1 28  ? -3.593  5.341   -8.681  1.00 45.85  ? 28  PHE A CE1 1 
ATOM   218 C CE2 . PHE A 1 28  ? -2.264  5.366   -6.660  1.00 48.31  ? 28  PHE A CE2 1 
ATOM   219 C CZ  . PHE A 1 28  ? -3.087  6.033   -7.585  1.00 47.55  ? 28  PHE A CZ  1 
ATOM   220 N N   . ALA A 1 29  ? -1.285  2.539   -10.851 1.00 44.92  ? 29  ALA A N   1 
ATOM   221 C CA  . ALA A 1 29  ? -1.246  3.403   -12.022 1.00 46.34  ? 29  ALA A CA  1 
ATOM   222 C C   . ALA A 1 29  ? -2.708  3.568   -12.417 1.00 47.84  ? 29  ALA A C   1 
ATOM   223 O O   . ALA A 1 29  ? -3.487  2.616   -12.334 1.00 47.63  ? 29  ALA A O   1 
ATOM   224 C CB  . ALA A 1 29  ? -0.450  2.756   -13.160 1.00 44.13  ? 29  ALA A CB  1 
ATOM   225 N N   . THR A 1 30  ? -3.081  4.779   -12.824 1.00 49.99  ? 30  THR A N   1 
ATOM   226 C CA  . THR A 1 30  ? -4.459  5.062   -13.216 1.00 52.38  ? 30  THR A CA  1 
ATOM   227 C C   . THR A 1 30  ? -4.905  4.263   -14.450 1.00 54.40  ? 30  THR A C   1 
ATOM   228 O O   . THR A 1 30  ? -6.077  3.888   -14.562 1.00 56.75  ? 30  THR A O   1 
ATOM   229 C CB  . THR A 1 30  ? -4.655  6.584   -13.490 1.00 52.30  ? 30  THR A CB  1 
ATOM   230 O OG1 . THR A 1 30  ? -3.668  7.035   -14.428 1.00 51.31  ? 30  THR A OG1 1 
ATOM   231 C CG2 . THR A 1 30  ? -4.522  7.392   -12.198 1.00 49.77  ? 30  THR A CG2 1 
ATOM   232 N N   . TRP A 1 31  ? -3.971  3.996   -15.357 1.00 54.55  ? 31  TRP A N   1 
ATOM   233 C CA  . TRP A 1 31  ? -4.265  3.260   -16.589 1.00 56.11  ? 31  TRP A CA  1 
ATOM   234 C C   . TRP A 1 31  ? -4.218  1.741   -16.478 1.00 57.05  ? 31  TRP A C   1 
ATOM   235 O O   . TRP A 1 31  ? -4.313  1.048   -17.496 1.00 58.97  ? 31  TRP A O   1 
ATOM   236 C CB  . TRP A 1 31  ? -3.277  3.663   -17.676 1.00 56.12  ? 31  TRP A CB  1 
ATOM   237 C CG  . TRP A 1 31  ? -1.870  3.492   -17.243 1.00 56.12  ? 31  TRP A CG  1 
ATOM   238 C CD1 . TRP A 1 31  ? -1.035  4.462   -16.766 1.00 57.14  ? 31  TRP A CD1 1 
ATOM   239 C CD2 . TRP A 1 31  ? -1.139  2.261   -17.172 1.00 56.74  ? 31  TRP A CD2 1 
ATOM   240 N NE1 . TRP A 1 31  ? 0.174   3.910   -16.397 1.00 58.01  ? 31  TRP A NE1 1 
ATOM   241 C CE2 . TRP A 1 31  ? 0.133   2.559   -16.634 1.00 57.78  ? 31  TRP A CE2 1 
ATOM   242 C CE3 . TRP A 1 31  ? -1.439  0.932   -17.504 1.00 56.65  ? 31  TRP A CE3 1 
ATOM   243 C CZ2 . TRP A 1 31  ? 1.109   1.572   -16.423 1.00 58.20  ? 31  TRP A CZ2 1 
ATOM   244 C CZ3 . TRP A 1 31  ? -0.468  -0.048  -17.296 1.00 56.83  ? 31  TRP A CZ3 1 
ATOM   245 C CH2 . TRP A 1 31  ? 0.789   0.279   -16.758 1.00 55.38  ? 31  TRP A CH2 1 
ATOM   246 N N   . CYS A 1 32  ? -4.054  1.215   -15.266 1.00 54.97  ? 32  CYS A N   1 
ATOM   247 C CA  . CYS A 1 32  ? -3.962  -0.228  -15.100 1.00 51.11  ? 32  CYS A CA  1 
ATOM   248 C C   . CYS A 1 32  ? -5.260  -0.848  -14.598 1.00 48.69  ? 32  CYS A C   1 
ATOM   249 O O   . CYS A 1 32  ? -5.720  -0.559  -13.497 1.00 46.19  ? 32  CYS A O   1 
ATOM   250 C CB  . CYS A 1 32  ? -2.809  -0.563  -14.159 1.00 52.36  ? 32  CYS A CB  1 
ATOM   251 S SG  . CYS A 1 32  ? -2.392  -2.312  -14.117 1.00 55.07  ? 32  CYS A SG  1 
ATOM   252 N N   . GLY A 1 33  ? -5.836  -1.718  -15.420 1.00 46.92  ? 33  GLY A N   1 
ATOM   253 C CA  . GLY A 1 33  ? -7.090  -2.366  -15.080 1.00 44.22  ? 33  GLY A CA  1 
ATOM   254 C C   . GLY A 1 33  ? -7.165  -3.038  -13.724 1.00 43.36  ? 33  GLY A C   1 
ATOM   255 O O   . GLY A 1 33  ? -8.074  -2.744  -12.950 1.00 43.84  ? 33  GLY A O   1 
ATOM   256 N N   . PRO A 1 34  ? -6.239  -3.962  -13.408 1.00 42.86  ? 34  PRO A N   1 
ATOM   257 C CA  . PRO A 1 34  ? -6.218  -4.675  -12.122 1.00 41.10  ? 34  PRO A CA  1 
ATOM   258 C C   . PRO A 1 34  ? -6.278  -3.751  -10.901 1.00 41.29  ? 34  PRO A C   1 
ATOM   259 O O   . PRO A 1 34  ? -6.869  -4.107  -9.874  1.00 40.48  ? 34  PRO A O   1 
ATOM   260 C CB  . PRO A 1 34  ? -4.905  -5.455  -12.181 1.00 41.35  ? 34  PRO A CB  1 
ATOM   261 C CG  . PRO A 1 34  ? -4.764  -5.748  -13.650 1.00 41.83  ? 34  PRO A CG  1 
ATOM   262 C CD  . PRO A 1 34  ? -5.163  -4.444  -14.299 1.00 40.79  ? 34  PRO A CD  1 
ATOM   263 N N   . CYS A 1 35  ? -5.659  -2.577  -11.015 1.00 39.92  ? 35  CYS A N   1 
ATOM   264 C CA  . CYS A 1 35  ? -5.627  -1.611  -9.919  1.00 41.76  ? 35  CYS A CA  1 
ATOM   265 C C   . CYS A 1 35  ? -7.014  -1.055  -9.619  1.00 43.67  ? 35  CYS A C   1 
ATOM   266 O O   . CYS A 1 35  ? -7.379  -0.867  -8.460  1.00 43.60  ? 35  CYS A O   1 
ATOM   267 C CB  . CYS A 1 35  ? -4.691  -0.448  -10.244 1.00 38.50  ? 35  CYS A CB  1 
ATOM   268 S SG  . CYS A 1 35  ? -2.991  -0.909  -10.580 1.00 43.00  ? 35  CYS A SG  1 
ATOM   269 N N   . LYS A 1 36  ? -7.780  -0.786  -10.668 1.00 45.97  ? 36  LYS A N   1 
ATOM   270 C CA  . LYS A 1 36  ? -9.122  -0.249  -10.503 1.00 49.51  ? 36  LYS A CA  1 
ATOM   271 C C   . LYS A 1 36  ? -10.060 -1.297  -9.901  1.00 49.80  ? 36  LYS A C   1 
ATOM   272 O O   . LYS A 1 36  ? -10.980 -0.965  -9.159  1.00 49.65  ? 36  LYS A O   1 
ATOM   273 C CB  . LYS A 1 36  ? -9.631  0.264   -11.851 1.00 51.15  ? 36  LYS A CB  1 
ATOM   274 C CG  . LYS A 1 36  ? -8.676  1.308   -12.451 1.00 58.37  ? 36  LYS A CG  1 
ATOM   275 C CD  . LYS A 1 36  ? -9.370  2.338   -13.346 1.00 63.99  ? 36  LYS A CD  1 
ATOM   276 C CE  . LYS A 1 36  ? -9.784  1.765   -14.697 1.00 66.34  ? 36  LYS A CE  1 
ATOM   277 N NZ  . LYS A 1 36  ? -8.612  1.509   -15.593 1.00 70.00  ? 36  LYS A NZ  1 
ATOM   278 N N   . MET A 1 37  ? -9.798  -2.565  -10.192 1.00 50.19  ? 37  MET A N   1 
ATOM   279 C CA  . MET A 1 37  ? -10.613 -3.658  -9.671  1.00 50.72  ? 37  MET A CA  1 
ATOM   280 C C   . MET A 1 37  ? -10.485 -3.854  -8.164  1.00 49.15  ? 37  MET A C   1 
ATOM   281 O O   . MET A 1 37  ? -11.480 -4.044  -7.466  1.00 48.61  ? 37  MET A O   1 
ATOM   282 C CB  . MET A 1 37  ? -10.223 -4.974  -10.342 1.00 53.93  ? 37  MET A CB  1 
ATOM   283 C CG  . MET A 1 37  ? -10.811 -5.220  -11.716 1.00 58.56  ? 37  MET A CG  1 
ATOM   284 S SD  . MET A 1 37  ? -10.169 -6.791  -12.360 1.00 65.85  ? 37  MET A SD  1 
ATOM   285 C CE  . MET A 1 37  ? -10.267 -7.862  -10.862 1.00 60.41  ? 37  MET A CE  1 
ATOM   286 N N   . ILE A 1 38  ? -9.246  -3.822  -7.679  1.00 47.83  ? 38  ILE A N   1 
ATOM   287 C CA  . ILE A 1 38  ? -8.935  -4.043  -6.271  1.00 44.93  ? 38  ILE A CA  1 
ATOM   288 C C   . ILE A 1 38  ? -9.212  -2.849  -5.354  1.00 45.76  ? 38  ILE A C   1 
ATOM   289 O O   . ILE A 1 38  ? -9.306  -3.016  -4.138  1.00 45.68  ? 38  ILE A O   1 
ATOM   290 C CB  . ILE A 1 38  ? -7.444  -4.458  -6.128  1.00 44.20  ? 38  ILE A CB  1 
ATOM   291 C CG1 . ILE A 1 38  ? -7.164  -5.026  -4.741  1.00 44.08  ? 38  ILE A CG1 1 
ATOM   292 C CG2 . ILE A 1 38  ? -6.543  -3.258  -6.359  1.00 44.55  ? 38  ILE A CG2 1 
ATOM   293 C CD1 . ILE A 1 38  ? -7.810  -6.355  -4.497  1.00 46.48  ? 38  ILE A CD1 1 
ATOM   294 N N   . SER A 1 39  ? -9.357  -1.650  -5.918  1.00 45.69  ? 39  SER A N   1 
ATOM   295 C CA  . SER A 1 39  ? -9.580  -0.465  -5.084  1.00 47.48  ? 39  SER A CA  1 
ATOM   296 C C   . SER A 1 39  ? -10.776 -0.527  -4.123  1.00 46.46  ? 39  SER A C   1 
ATOM   297 O O   . SER A 1 39  ? -10.693 -0.033  -3.000  1.00 47.65  ? 39  SER A O   1 
ATOM   298 C CB  . SER A 1 39  ? -9.660  0.793   -5.952  1.00 48.17  ? 39  SER A CB  1 
ATOM   299 O OG  . SER A 1 39  ? -10.721 0.700   -6.873  1.00 57.12  ? 39  SER A OG  1 
ATOM   300 N N   . PRO A 1 40  ? -11.900 -1.130  -4.538  1.00 45.97  ? 40  PRO A N   1 
ATOM   301 C CA  . PRO A 1 40  ? -13.055 -1.211  -3.635  1.00 44.77  ? 40  PRO A CA  1 
ATOM   302 C C   . PRO A 1 40  ? -12.726 -1.989  -2.360  1.00 44.31  ? 40  PRO A C   1 
ATOM   303 O O   . PRO A 1 40  ? -13.126 -1.600  -1.260  1.00 44.37  ? 40  PRO A O   1 
ATOM   304 C CB  . PRO A 1 40  ? -14.098 -1.939  -4.474  1.00 45.04  ? 40  PRO A CB  1 
ATOM   305 C CG  . PRO A 1 40  ? -13.743 -1.524  -5.876  1.00 46.55  ? 40  PRO A CG  1 
ATOM   306 C CD  . PRO A 1 40  ? -12.245 -1.644  -5.873  1.00 45.63  ? 40  PRO A CD  1 
ATOM   307 N N   . LYS A 1 41  ? -12.005 -3.096  -2.526  1.00 42.50  ? 41  LYS A N   1 
ATOM   308 C CA  . LYS A 1 41  ? -11.607 -3.959  -1.418  1.00 43.65  ? 41  LYS A CA  1 
ATOM   309 C C   . LYS A 1 41  ? -10.656 -3.209  -0.485  1.00 43.01  ? 41  LYS A C   1 
ATOM   310 O O   . LYS A 1 41  ? -10.695 -3.378  0.733   1.00 42.41  ? 41  LYS A O   1 
ATOM   311 C CB  . LYS A 1 41  ? -10.921 -5.216  -1.959  1.00 45.85  ? 41  LYS A CB  1 
ATOM   312 C CG  . LYS A 1 41  ? -10.656 -6.269  -0.919  1.00 48.20  ? 41  LYS A CG  1 
ATOM   313 C CD  . LYS A 1 41  ? -11.940 -6.962  -0.524  1.00 54.25  ? 41  LYS A CD  1 
ATOM   314 C CE  . LYS A 1 41  ? -11.719 -7.851  0.675   1.00 56.34  ? 41  LYS A CE  1 
ATOM   315 N NZ  . LYS A 1 41  ? -11.192 -7.016  1.789   1.00 59.81  ? 41  LYS A NZ  1 
ATOM   316 N N   . LEU A 1 42  ? -9.816  -2.366  -1.068  1.00 43.07  ? 42  LEU A N   1 
ATOM   317 C CA  . LEU A 1 42  ? -8.860  -1.581  -0.302  1.00 43.79  ? 42  LEU A CA  1 
ATOM   318 C C   . LEU A 1 42  ? -9.589  -0.607  0.636   1.00 43.27  ? 42  LEU A C   1 
ATOM   319 O O   . LEU A 1 42  ? -9.265  -0.509  1.821   1.00 41.87  ? 42  LEU A O   1 
ATOM   320 C CB  . LEU A 1 42  ? -7.956  -0.823  -1.273  1.00 45.94  ? 42  LEU A CB  1 
ATOM   321 C CG  . LEU A 1 42  ? -6.515  -0.522  -0.866  1.00 48.94  ? 42  LEU A CG  1 
ATOM   322 C CD1 . LEU A 1 42  ? -5.802  -1.788  -0.396  1.00 49.54  ? 42  LEU A CD1 1 
ATOM   323 C CD2 . LEU A 1 42  ? -5.794  0.074   -2.064  1.00 49.93  ? 42  LEU A CD2 1 
ATOM   324 N N   . VAL A 1 43  ? -10.580 0.103   0.102   1.00 42.83  ? 43  VAL A N   1 
ATOM   325 C CA  . VAL A 1 43  ? -11.377 1.060   0.881   1.00 42.24  ? 43  VAL A CA  1 
ATOM   326 C C   . VAL A 1 43  ? -12.145 0.353   2.009   1.00 42.42  ? 43  VAL A C   1 
ATOM   327 O O   . VAL A 1 43  ? -12.268 0.873   3.117   1.00 44.20  ? 43  VAL A O   1 
ATOM   328 C CB  . VAL A 1 43  ? -12.392 1.791   -0.031  1.00 41.76  ? 43  VAL A CB  1 
ATOM   329 C CG1 . VAL A 1 43  ? -13.252 2.738   0.785   1.00 39.04  ? 43  VAL A CG1 1 
ATOM   330 C CG2 . VAL A 1 43  ? -11.647 2.548   -1.113  1.00 40.72  ? 43  VAL A CG2 1 
ATOM   331 N N   . GLU A 1 44  ? -12.660 -0.831  1.709   1.00 41.16  ? 44  GLU A N   1 
ATOM   332 C CA  . GLU A 1 44  ? -13.396 -1.631  2.676   1.00 41.85  ? 44  GLU A CA  1 
ATOM   333 C C   . GLU A 1 44  ? -12.473 -2.016  3.850   1.00 42.02  ? 44  GLU A C   1 
ATOM   334 O O   . GLU A 1 44  ? -12.782 -1.756  5.015   1.00 40.68  ? 44  GLU A O   1 
ATOM   335 C CB  . GLU A 1 44  ? -13.923 -2.889  1.978   1.00 40.99  ? 44  GLU A CB  1 
ATOM   336 C CG  . GLU A 1 44  ? -14.641 -3.870  2.877   1.00 47.82  ? 44  GLU A CG  1 
ATOM   337 C CD  . GLU A 1 44  ? -14.913 -5.193  2.172   1.00 53.25  ? 44  GLU A CD  1 
ATOM   338 O OE1 . GLU A 1 44  ? -15.580 -5.175  1.114   1.00 57.39  ? 44  GLU A OE1 1 
ATOM   339 O OE2 . GLU A 1 44  ? -14.456 -6.247  2.668   1.00 55.03  ? 44  GLU A OE2 1 
ATOM   340 N N   . LEU A 1 45  ? -11.337 -2.636  3.533   1.00 40.91  ? 45  LEU A N   1 
ATOM   341 C CA  . LEU A 1 45  ? -10.378 -3.041  4.555   1.00 40.33  ? 45  LEU A CA  1 
ATOM   342 C C   . LEU A 1 45  ? -9.902  -1.829  5.344   1.00 40.81  ? 45  LEU A C   1 
ATOM   343 O O   . LEU A 1 45  ? -9.865  -1.838  6.569   1.00 40.85  ? 45  LEU A O   1 
ATOM   344 C CB  . LEU A 1 45  ? -9.188  -3.730  3.894   1.00 39.22  ? 45  LEU A CB  1 
ATOM   345 C CG  . LEU A 1 45  ? -9.573  -5.025  3.186   1.00 39.64  ? 45  LEU A CG  1 
ATOM   346 C CD1 . LEU A 1 45  ? -8.440  -5.484  2.296   1.00 40.06  ? 45  LEU A CD1 1 
ATOM   347 C CD2 . LEU A 1 45  ? -9.935  -6.076  4.218   1.00 38.26  ? 45  LEU A CD2 1 
ATOM   348 N N   . SER A 1 46  ? -9.538  -0.782  4.622   1.00 42.13  ? 46  SER A N   1 
ATOM   349 C CA  . SER A 1 46  ? -9.069  0.444   5.231   1.00 44.75  ? 46  SER A CA  1 
ATOM   350 C C   . SER A 1 46  ? -10.057 0.962   6.277   1.00 47.06  ? 46  SER A C   1 
ATOM   351 O O   . SER A 1 46  ? -9.665  1.398   7.362   1.00 47.38  ? 46  SER A O   1 
ATOM   352 C CB  . SER A 1 46  ? -8.869  1.495   4.146   1.00 44.64  ? 46  SER A CB  1 
ATOM   353 O OG  . SER A 1 46  ? -8.595  2.747   4.727   1.00 49.02  ? 46  SER A OG  1 
ATOM   354 N N   . THR A 1 47  ? -11.342 0.915   5.938   1.00 48.08  ? 47  THR A N   1 
ATOM   355 C CA  . THR A 1 47  ? -12.396 1.382   6.834   1.00 49.56  ? 47  THR A CA  1 
ATOM   356 C C   . THR A 1 47  ? -12.619 0.417   7.998   1.00 50.14  ? 47  THR A C   1 
ATOM   357 O O   . THR A 1 47  ? -12.782 0.828   9.144   1.00 48.89  ? 47  THR A O   1 
ATOM   358 C CB  . THR A 1 47  ? -13.740 1.574   6.055   1.00 48.72  ? 47  THR A CB  1 
ATOM   359 O OG1 . THR A 1 47  ? -13.632 2.701   5.173   1.00 48.72  ? 47  THR A OG1 1 
ATOM   360 C CG2 . THR A 1 47  ? -14.887 1.808   7.008   1.00 48.82  ? 47  THR A CG2 1 
ATOM   361 N N   . GLN A 1 48  ? -12.618 -0.874  7.703   1.00 52.06  ? 48  GLN A N   1 
ATOM   362 C CA  . GLN A 1 48  ? -12.846 -1.860  8.741   1.00 54.68  ? 48  GLN A CA  1 
ATOM   363 C C   . GLN A 1 48  ? -11.754 -1.900  9.807   1.00 55.14  ? 48  GLN A C   1 
ATOM   364 O O   . GLN A 1 48  ? -12.044 -2.122  10.981  1.00 55.38  ? 48  GLN A O   1 
ATOM   365 C CB  . GLN A 1 48  ? -13.006 -3.243  8.121   1.00 57.65  ? 48  GLN A CB  1 
ATOM   366 C CG  . GLN A 1 48  ? -13.553 -4.266  9.095   1.00 62.17  ? 48  GLN A CG  1 
ATOM   367 C CD  . GLN A 1 48  ? -13.652 -5.633  8.482   1.00 63.63  ? 48  GLN A CD  1 
ATOM   368 O OE1 . GLN A 1 48  ? -14.090 -5.779  7.339   1.00 67.44  ? 48  GLN A OE1 1 
ATOM   369 N NE2 . GLN A 1 48  ? -13.254 -6.653  9.238   1.00 65.33  ? 48  GLN A NE2 1 
ATOM   370 N N   . PHE A 1 49  ? -10.502 -1.693  9.407   1.00 54.74  ? 49  PHE A N   1 
ATOM   371 C CA  . PHE A 1 49  ? -9.389  -1.716  10.355  1.00 53.88  ? 49  PHE A CA  1 
ATOM   372 C C   . PHE A 1 49  ? -8.766  -0.336  10.501  1.00 54.17  ? 49  PHE A C   1 
ATOM   373 O O   . PHE A 1 49  ? -7.549  -0.214  10.613  1.00 54.80  ? 49  PHE A O   1 
ATOM   374 C CB  . PHE A 1 49  ? -8.315  -2.697  9.884   1.00 51.88  ? 49  PHE A CB  1 
ATOM   375 C CG  . PHE A 1 49  ? -8.838  -4.072  9.591   1.00 52.02  ? 49  PHE A CG  1 
ATOM   376 C CD1 . PHE A 1 49  ? -8.989  -4.506  8.285   1.00 52.42  ? 49  PHE A CD1 1 
ATOM   377 C CD2 . PHE A 1 49  ? -9.174  -4.936  10.621  1.00 53.73  ? 49  PHE A CD2 1 
ATOM   378 C CE1 . PHE A 1 49  ? -9.463  -5.781  8.009   1.00 53.45  ? 49  PHE A CE1 1 
ATOM   379 C CE2 . PHE A 1 49  ? -9.650  -6.215  10.353  1.00 53.33  ? 49  PHE A CE2 1 
ATOM   380 C CZ  . PHE A 1 49  ? -9.793  -6.636  9.044   1.00 53.56  ? 49  PHE A CZ  1 
ATOM   381 N N   . ALA A 1 50  ? -9.606  0.693   10.518  1.00 54.56  ? 50  ALA A N   1 
ATOM   382 C CA  . ALA A 1 50  ? -9.151  2.080   10.607  1.00 56.47  ? 50  ALA A CA  1 
ATOM   383 C C   . ALA A 1 50  ? -8.145  2.438   11.700  1.00 57.96  ? 50  ALA A C   1 
ATOM   384 O O   . ALA A 1 50  ? -7.493  3.478   11.614  1.00 59.14  ? 50  ALA A O   1 
ATOM   385 C CB  . ALA A 1 50  ? -10.358 3.009   10.710  1.00 55.61  ? 50  ALA A CB  1 
ATOM   386 N N   . ASP A 1 51  ? -8.008  1.602   12.722  1.00 59.20  ? 51  ASP A N   1 
ATOM   387 C CA  . ASP A 1 51  ? -7.081  1.916   13.804  1.00 61.97  ? 51  ASP A CA  1 
ATOM   388 C C   . ASP A 1 51  ? -5.816  1.058   13.859  1.00 60.90  ? 51  ASP A C   1 
ATOM   389 O O   . ASP A 1 51  ? -4.875  1.389   14.579  1.00 61.31  ? 51  ASP A O   1 
ATOM   390 C CB  . ASP A 1 51  ? -7.815  1.839   15.154  1.00 67.12  ? 51  ASP A CB  1 
ATOM   391 C CG  . ASP A 1 51  ? -8.735  3.036   15.396  1.00 72.17  ? 51  ASP A CG  1 
ATOM   392 O OD1 . ASP A 1 51  ? -8.225  4.121   15.753  1.00 74.18  ? 51  ASP A OD1 1 
ATOM   393 O OD2 . ASP A 1 51  ? -9.969  2.894   15.221  1.00 75.32  ? 51  ASP A OD2 1 
ATOM   394 N N   . ASN A 1 52  ? -5.786  -0.033  13.103  1.00 59.05  ? 52  ASN A N   1 
ATOM   395 C CA  . ASN A 1 52  ? -4.623  -0.913  13.115  1.00 57.89  ? 52  ASN A CA  1 
ATOM   396 C C   . ASN A 1 52  ? -3.882  -0.956  11.780  1.00 55.49  ? 52  ASN A C   1 
ATOM   397 O O   . ASN A 1 52  ? -2.824  -1.575  11.672  1.00 54.50  ? 52  ASN A O   1 
ATOM   398 C CB  . ASN A 1 52  ? -5.055  -2.327  13.491  1.00 61.30  ? 52  ASN A CB  1 
ATOM   399 C CG  . ASN A 1 52  ? -6.015  -2.349  14.662  1.00 64.53  ? 52  ASN A CG  1 
ATOM   400 O OD1 . ASN A 1 52  ? -5.717  -1.819  15.734  1.00 66.35  ? 52  ASN A OD1 1 
ATOM   401 N ND2 . ASN A 1 52  ? -7.176  -2.970  14.464  1.00 65.26  ? 52  ASN A ND2 1 
ATOM   402 N N   . VAL A 1 53  ? -4.441  -0.295  10.772  1.00 52.04  ? 53  VAL A N   1 
ATOM   403 C CA  . VAL A 1 53  ? -3.850  -0.268  9.443   1.00 49.97  ? 53  VAL A CA  1 
ATOM   404 C C   . VAL A 1 53  ? -3.921  1.104   8.783   1.00 47.88  ? 53  VAL A C   1 
ATOM   405 O O   . VAL A 1 53  ? -4.895  1.834   8.938   1.00 46.62  ? 53  VAL A O   1 
ATOM   406 C CB  . VAL A 1 53  ? -4.564  -1.260  8.492   1.00 49.62  ? 53  VAL A CB  1 
ATOM   407 C CG1 . VAL A 1 53  ? -3.993  -1.144  7.099   1.00 49.62  ? 53  VAL A CG1 1 
ATOM   408 C CG2 . VAL A 1 53  ? -4.406  -2.682  8.997   1.00 50.09  ? 53  VAL A CG2 1 
ATOM   409 N N   . VAL A 1 54  ? -2.871  1.442   8.046   1.00 46.04  ? 54  VAL A N   1 
ATOM   410 C CA  . VAL A 1 54  ? -2.810  2.696   7.312   1.00 44.95  ? 54  VAL A CA  1 
ATOM   411 C C   . VAL A 1 54  ? -2.440  2.301   5.893   1.00 44.09  ? 54  VAL A C   1 
ATOM   412 O O   . VAL A 1 54  ? -1.502  1.540   5.678   1.00 44.39  ? 54  VAL A O   1 
ATOM   413 C CB  . VAL A 1 54  ? -1.763  3.686   7.912   1.00 46.70  ? 54  VAL A CB  1 
ATOM   414 C CG1 . VAL A 1 54  ? -0.496  2.952   8.294   1.00 48.20  ? 54  VAL A CG1 1 
ATOM   415 C CG2 . VAL A 1 54  ? -1.444  4.776   6.899   1.00 43.44  ? 54  VAL A CG2 1 
ATOM   416 N N   . VAL A 1 55  ? -3.212  2.792   4.931   1.00 43.72  ? 55  VAL A N   1 
ATOM   417 C CA  . VAL A 1 55  ? -2.993  2.476   3.534   1.00 42.97  ? 55  VAL A CA  1 
ATOM   418 C C   . VAL A 1 55  ? -2.441  3.679   2.798   1.00 43.31  ? 55  VAL A C   1 
ATOM   419 O O   . VAL A 1 55  ? -3.049  4.746   2.812   1.00 43.84  ? 55  VAL A O   1 
ATOM   420 C CB  . VAL A 1 55  ? -4.315  2.024   2.864   1.00 43.01  ? 55  VAL A CB  1 
ATOM   421 C CG1 . VAL A 1 55  ? -4.133  1.902   1.355   1.00 43.14  ? 55  VAL A CG1 1 
ATOM   422 C CG2 . VAL A 1 55  ? -4.758  0.694   3.448   1.00 44.75  ? 55  VAL A CG2 1 
ATOM   423 N N   . LEU A 1 56  ? -1.290  3.495   2.158   1.00 43.13  ? 56  LEU A N   1 
ATOM   424 C CA  . LEU A 1 56  ? -0.643  4.556   1.398   1.00 43.29  ? 56  LEU A CA  1 
ATOM   425 C C   . LEU A 1 56  ? -0.623  4.247   -0.092  1.00 43.69  ? 56  LEU A C   1 
ATOM   426 O O   . LEU A 1 56  ? 0.062   3.326   -0.538  1.00 43.83  ? 56  LEU A O   1 
ATOM   427 C CB  . LEU A 1 56  ? 0.808   4.778   1.860   1.00 41.60  ? 56  LEU A CB  1 
ATOM   428 C CG  . LEU A 1 56  ? 1.199   5.540   3.139   1.00 42.96  ? 56  LEU A CG  1 
ATOM   429 C CD1 . LEU A 1 56  ? 0.019   6.356   3.657   1.00 43.07  ? 56  LEU A CD1 1 
ATOM   430 C CD2 . LEU A 1 56  ? 1.683   4.564   4.194   1.00 42.56  ? 56  LEU A CD2 1 
ATOM   431 N N   . LYS A 1 57  ? -1.376  5.023   -0.860  1.00 44.53  ? 57  LYS A N   1 
ATOM   432 C CA  . LYS A 1 57  ? -1.417  4.855   -2.307  1.00 46.26  ? 57  LYS A CA  1 
ATOM   433 C C   . LYS A 1 57  ? -0.234  5.603   -2.930  1.00 45.19  ? 57  LYS A C   1 
ATOM   434 O O   . LYS A 1 57  ? 0.009   6.763   -2.611  1.00 46.26  ? 57  LYS A O   1 
ATOM   435 C CB  . LYS A 1 57  ? -2.734  5.403   -2.870  1.00 48.87  ? 57  LYS A CB  1 
ATOM   436 C CG  . LYS A 1 57  ? -3.689  4.336   -3.379  1.00 51.36  ? 57  LYS A CG  1 
ATOM   437 C CD  . LYS A 1 57  ? -4.935  4.969   -3.969  1.00 54.21  ? 57  LYS A CD  1 
ATOM   438 C CE  . LYS A 1 57  ? -5.836  3.931   -4.626  1.00 58.10  ? 57  LYS A CE  1 
ATOM   439 N NZ  . LYS A 1 57  ? -5.249  3.331   -5.865  1.00 61.08  ? 57  LYS A NZ  1 
ATOM   440 N N   . VAL A 1 58  ? 0.505   4.933   -3.804  1.00 43.76  ? 58  VAL A N   1 
ATOM   441 C CA  . VAL A 1 58  ? 1.658   5.529   -4.474  1.00 43.41  ? 58  VAL A CA  1 
ATOM   442 C C   . VAL A 1 58  ? 1.455   5.453   -5.992  1.00 45.57  ? 58  VAL A C   1 
ATOM   443 O O   . VAL A 1 58  ? 1.488   4.367   -6.570  1.00 44.67  ? 58  VAL A O   1 
ATOM   444 C CB  . VAL A 1 58  ? 2.962   4.767   -4.108  1.00 44.24  ? 58  VAL A CB  1 
ATOM   445 C CG1 . VAL A 1 58  ? 4.166   5.400   -4.797  1.00 43.24  ? 58  VAL A CG1 1 
ATOM   446 C CG2 . VAL A 1 58  ? 3.149   4.757   -2.602  1.00 42.58  ? 58  VAL A CG2 1 
ATOM   447 N N   . ASP A 1 59  ? 1.220   6.592   -6.634  1.00 46.85  ? 59  ASP A N   1 
ATOM   448 C CA  . ASP A 1 59  ? 1.036   6.614   -8.086  1.00 49.33  ? 59  ASP A CA  1 
ATOM   449 C C   . ASP A 1 59  ? 2.432   6.539   -8.703  1.00 49.85  ? 59  ASP A C   1 
ATOM   450 O O   . ASP A 1 59  ? 3.172   7.525   -8.681  1.00 49.33  ? 59  ASP A O   1 
ATOM   451 C CB  . ASP A 1 59  ? 0.336   7.910   -8.510  1.00 51.29  ? 59  ASP A CB  1 
ATOM   452 C CG  . ASP A 1 59  ? 0.049   7.968   -10.005 1.00 52.95  ? 59  ASP A CG  1 
ATOM   453 O OD1 . ASP A 1 59  ? 1.001   7.900   -10.808 1.00 55.14  ? 59  ASP A OD1 1 
ATOM   454 O OD2 . ASP A 1 59  ? -1.132  8.088   -10.385 1.00 54.57  ? 59  ASP A OD2 1 
ATOM   455 N N   . VAL A 1 60  ? 2.791   5.377   -9.247  1.00 50.56  ? 60  VAL A N   1 
ATOM   456 C CA  . VAL A 1 60  ? 4.122   5.193   -9.832  1.00 52.68  ? 60  VAL A CA  1 
ATOM   457 C C   . VAL A 1 60  ? 4.495   6.194   -10.930 1.00 54.91  ? 60  VAL A C   1 
ATOM   458 O O   . VAL A 1 60  ? 5.677   6.473   -11.133 1.00 55.11  ? 60  VAL A O   1 
ATOM   459 C CB  . VAL A 1 60  ? 4.329   3.738   -10.364 1.00 50.63  ? 60  VAL A CB  1 
ATOM   460 C CG1 . VAL A 1 60  ? 4.175   2.750   -9.226  1.00 48.91  ? 60  VAL A CG1 1 
ATOM   461 C CG2 . VAL A 1 60  ? 3.362   3.433   -11.487 1.00 46.61  ? 60  VAL A CG2 1 
ATOM   462 N N   . ASP A 1 61  ? 3.496   6.735   -11.624 1.00 57.64  ? 61  ASP A N   1 
ATOM   463 C CA  . ASP A 1 61  ? 3.731   7.720   -12.680 1.00 61.14  ? 61  ASP A CA  1 
ATOM   464 C C   . ASP A 1 61  ? 4.225   9.043   -12.073 1.00 61.74  ? 61  ASP A C   1 
ATOM   465 O O   . ASP A 1 61  ? 5.056   9.730   -12.664 1.00 60.64  ? 61  ASP A O   1 
ATOM   466 C CB  . ASP A 1 61  ? 2.439   7.985   -13.468 1.00 64.18  ? 61  ASP A CB  1 
ATOM   467 C CG  . ASP A 1 61  ? 2.129   6.897   -14.496 1.00 69.12  ? 61  ASP A CG  1 
ATOM   468 O OD1 . ASP A 1 61  ? 2.837   5.862   -14.524 1.00 68.80  ? 61  ASP A OD1 1 
ATOM   469 O OD2 . ASP A 1 61  ? 1.163   7.084   -15.281 1.00 71.22  ? 61  ASP A OD2 1 
ATOM   470 N N   . GLU A 1 62  ? 3.703   9.387   -10.895 1.00 62.04  ? 62  GLU A N   1 
ATOM   471 C CA  . GLU A 1 62  ? 4.069   10.619  -10.194 1.00 63.38  ? 62  GLU A CA  1 
ATOM   472 C C   . GLU A 1 62  ? 5.292   10.483  -9.294  1.00 63.31  ? 62  GLU A C   1 
ATOM   473 O O   . GLU A 1 62  ? 6.067   11.426  -9.148  1.00 62.92  ? 62  GLU A O   1 
ATOM   474 C CB  . GLU A 1 62  ? 2.900   11.112  -9.344  1.00 65.75  ? 62  GLU A CB  1 
ATOM   475 C CG  . GLU A 1 62  ? 1.847   11.904  -10.089 1.00 69.19  ? 62  GLU A CG  1 
ATOM   476 C CD  . GLU A 1 62  ? 0.699   12.325  -9.182  1.00 73.09  ? 62  GLU A CD  1 
ATOM   477 O OE1 . GLU A 1 62  ? -0.240  12.988  -9.680  1.00 75.88  ? 62  GLU A OE1 1 
ATOM   478 O OE2 . GLU A 1 62  ? 0.736   11.992  -7.971  1.00 72.93  ? 62  GLU A OE2 1 
ATOM   479 N N   . CYS A 1 63  ? 5.454   9.312   -8.684  1.00 63.04  ? 63  CYS A N   1 
ATOM   480 C CA  . CYS A 1 63  ? 6.572   9.064   -7.784  1.00 63.31  ? 63  CYS A CA  1 
ATOM   481 C C   . CYS A 1 63  ? 7.561   8.048   -8.366  1.00 63.46  ? 63  CYS A C   1 
ATOM   482 O O   . CYS A 1 63  ? 7.861   7.034   -7.739  1.00 63.61  ? 63  CYS A O   1 
ATOM   483 C CB  . CYS A 1 63  ? 6.040   8.569   -6.432  1.00 62.68  ? 63  CYS A CB  1 
ATOM   484 S SG  . CYS A 1 63  ? 4.768   9.643   -5.701  1.00 62.41  ? 63  CYS A SG  1 
ATOM   485 N N   . GLU A 1 64  ? 8.072   8.336   -9.561  1.00 63.25  ? 64  GLU A N   1 
ATOM   486 C CA  . GLU A 1 64  ? 9.024   7.454   -10.240 1.00 62.98  ? 64  GLU A CA  1 
ATOM   487 C C   . GLU A 1 64  ? 10.174  7.007   -9.340  1.00 61.72  ? 64  GLU A C   1 
ATOM   488 O O   . GLU A 1 64  ? 10.588  5.849   -9.375  1.00 61.63  ? 64  GLU A O   1 
ATOM   489 C CB  . GLU A 1 64  ? 9.605   8.157   -11.466 1.00 65.70  ? 64  GLU A CB  1 
ATOM   490 C CG  . GLU A 1 64  ? 8.570   8.762   -12.391 1.00 70.27  ? 64  GLU A CG  1 
ATOM   491 C CD  . GLU A 1 64  ? 9.194   9.414   -13.613 1.00 72.62  ? 64  GLU A CD  1 
ATOM   492 O OE1 . GLU A 1 64  ? 10.065  10.295  -13.437 1.00 73.74  ? 64  GLU A OE1 1 
ATOM   493 O OE2 . GLU A 1 64  ? 8.812   9.046   -14.747 1.00 73.39  ? 64  GLU A OE2 1 
ATOM   494 N N   . ASP A 1 65  ? 10.696  7.937   -8.547  1.00 60.96  ? 65  ASP A N   1 
ATOM   495 C CA  . ASP A 1 65  ? 11.801  7.656   -7.634  1.00 59.80  ? 65  ASP A CA  1 
ATOM   496 C C   . ASP A 1 65  ? 11.453  6.608   -6.580  1.00 58.69  ? 65  ASP A C   1 
ATOM   497 O O   . ASP A 1 65  ? 12.301  5.795   -6.200  1.00 59.50  ? 65  ASP A O   1 
ATOM   498 C CB  . ASP A 1 65  ? 12.250  8.948   -6.939  1.00 62.34  ? 65  ASP A CB  1 
ATOM   499 C CG  . ASP A 1 65  ? 11.078  9.793   -6.449  1.00 63.86  ? 65  ASP A CG  1 
ATOM   500 O OD1 . ASP A 1 65  ? 11.286  10.642  -5.560  1.00 65.05  ? 65  ASP A OD1 1 
ATOM   501 O OD2 . ASP A 1 65  ? 9.950   9.619   -6.960  1.00 66.84  ? 65  ASP A OD2 1 
ATOM   502 N N   . ILE A 1 66  ? 10.214  6.637   -6.095  1.00 56.13  ? 66  ILE A N   1 
ATOM   503 C CA  . ILE A 1 66  ? 9.774   5.676   -5.097  1.00 53.70  ? 66  ILE A CA  1 
ATOM   504 C C   . ILE A 1 66  ? 9.554   4.323   -5.781  1.00 53.73  ? 66  ILE A C   1 
ATOM   505 O O   . ILE A 1 66  ? 10.016  3.284   -5.298  1.00 52.61  ? 66  ILE A O   1 
ATOM   506 C CB  . ILE A 1 66  ? 8.461   6.127   -4.428  1.00 53.34  ? 66  ILE A CB  1 
ATOM   507 C CG1 . ILE A 1 66  ? 8.648   7.504   -3.787  1.00 52.43  ? 66  ILE A CG1 1 
ATOM   508 C CG2 . ILE A 1 66  ? 8.045   5.112   -3.370  1.00 52.88  ? 66  ILE A CG2 1 
ATOM   509 C CD1 . ILE A 1 66  ? 7.417   8.032   -3.076  1.00 49.61  ? 66  ILE A CD1 1 
ATOM   510 N N   . ALA A 1 67  ? 8.851   4.349   -6.913  1.00 52.29  ? 67  ALA A N   1 
ATOM   511 C CA  . ALA A 1 67  ? 8.567   3.141   -7.685  1.00 52.53  ? 67  ALA A CA  1 
ATOM   512 C C   . ALA A 1 67  ? 9.879   2.463   -8.048  1.00 52.46  ? 67  ALA A C   1 
ATOM   513 O O   . ALA A 1 67  ? 9.990   1.238   -8.044  1.00 50.75  ? 67  ALA A O   1 
ATOM   514 C CB  . ALA A 1 67  ? 7.797   3.501   -8.953  1.00 51.07  ? 67  ALA A CB  1 
ATOM   515 N N   . MET A 1 68  ? 10.875  3.281   -8.355  1.00 54.37  ? 68  MET A N   1 
ATOM   516 C CA  . MET A 1 68  ? 12.195  2.793   -8.723  1.00 57.44  ? 68  MET A CA  1 
ATOM   517 C C   . MET A 1 68  ? 12.922  2.222   -7.501  1.00 55.61  ? 68  MET A C   1 
ATOM   518 O O   . MET A 1 68  ? 13.597  1.199   -7.584  1.00 54.33  ? 68  MET A O   1 
ATOM   519 C CB  . MET A 1 68  ? 12.994  3.945   -9.332  1.00 61.72  ? 68  MET A CB  1 
ATOM   520 C CG  . MET A 1 68  ? 13.870  3.566   -10.509 1.00 67.05  ? 68  MET A CG  1 
ATOM   521 S SD  . MET A 1 68  ? 14.442  5.050   -11.393 1.00 73.89  ? 68  MET A SD  1 
ATOM   522 C CE  . MET A 1 68  ? 15.635  5.734   -10.207 1.00 70.31  ? 68  MET A CE  1 
ATOM   523 N N   . GLU A 1 69  ? 12.773  2.887   -6.362  1.00 55.59  ? 69  GLU A N   1 
ATOM   524 C CA  . GLU A 1 69  ? 13.416  2.430   -5.140  1.00 55.86  ? 69  GLU A CA  1 
ATOM   525 C C   . GLU A 1 69  ? 12.895  1.068   -4.706  1.00 54.57  ? 69  GLU A C   1 
ATOM   526 O O   . GLU A 1 69  ? 13.658  0.240   -4.200  1.00 56.55  ? 69  GLU A O   1 
ATOM   527 C CB  . GLU A 1 69  ? 13.200  3.437   -4.014  1.00 59.12  ? 69  GLU A CB  1 
ATOM   528 C CG  . GLU A 1 69  ? 13.839  3.016   -2.695  1.00 63.92  ? 69  GLU A CG  1 
ATOM   529 C CD  . GLU A 1 69  ? 13.519  3.957   -1.540  1.00 66.38  ? 69  GLU A CD  1 
ATOM   530 O OE1 . GLU A 1 69  ? 13.910  3.640   -0.395  1.00 68.09  ? 69  GLU A OE1 1 
ATOM   531 O OE2 . GLU A 1 69  ? 12.879  5.008   -1.771  1.00 66.84  ? 69  GLU A OE2 1 
ATOM   532 N N   . TYR A 1 70  ? 11.597  0.831   -4.888  1.00 53.25  ? 70  TYR A N   1 
ATOM   533 C CA  . TYR A 1 70  ? 11.011  -0.455  -4.508  1.00 50.99  ? 70  TYR A CA  1 
ATOM   534 C C   . TYR A 1 70  ? 11.056  -1.462  -5.649  1.00 49.40  ? 70  TYR A C   1 
ATOM   535 O O   . TYR A 1 70  ? 10.564  -2.580  -5.527  1.00 48.92  ? 70  TYR A O   1 
ATOM   536 C CB  . TYR A 1 70  ? 9.574   -0.275  -4.010  1.00 48.95  ? 70  TYR A CB  1 
ATOM   537 C CG  . TYR A 1 70  ? 9.501   0.363   -2.636  1.00 51.36  ? 70  TYR A CG  1 
ATOM   538 C CD1 . TYR A 1 70  ? 9.560   1.751   -2.473  1.00 49.79  ? 70  TYR A CD1 1 
ATOM   539 C CD2 . TYR A 1 70  ? 9.438   -0.432  -1.489  1.00 51.69  ? 70  TYR A CD2 1 
ATOM   540 C CE1 . TYR A 1 70  ? 9.560   2.327   -1.201  1.00 51.27  ? 70  TYR A CE1 1 
ATOM   541 C CE2 . TYR A 1 70  ? 9.441   0.133   -0.217  1.00 52.32  ? 70  TYR A CE2 1 
ATOM   542 C CZ  . TYR A 1 70  ? 9.503   1.510   -0.080  1.00 52.95  ? 70  TYR A CZ  1 
ATOM   543 O OH  . TYR A 1 70  ? 9.523   2.063   1.182   1.00 57.15  ? 70  TYR A OH  1 
ATOM   544 N N   . ASN A 1 71  ? 11.669  -1.055  -6.755  1.00 49.22  ? 71  ASN A N   1 
ATOM   545 C CA  . ASN A 1 71  ? 11.808  -1.903  -7.930  1.00 48.30  ? 71  ASN A CA  1 
ATOM   546 C C   . ASN A 1 71  ? 10.469  -2.493  -8.382  1.00 47.26  ? 71  ASN A C   1 
ATOM   547 O O   . ASN A 1 71  ? 10.302  -3.717  -8.472  1.00 46.56  ? 71  ASN A O   1 
ATOM   548 C CB  . ASN A 1 71  ? 12.800  -3.028  -7.642  1.00 50.79  ? 71  ASN A CB  1 
ATOM   549 C CG  . ASN A 1 71  ? 13.352  -3.644  -8.910  1.00 55.70  ? 71  ASN A CG  1 
ATOM   550 O OD1 . ASN A 1 71  ? 13.919  -4.738  -8.890  1.00 56.88  ? 71  ASN A OD1 1 
ATOM   551 N ND2 . ASN A 1 71  ? 13.195  -2.933  -10.031 1.00 57.03  ? 71  ASN A ND2 1 
ATOM   552 N N   . ILE A 1 72  ? 9.518   -1.615  -8.674  1.00 45.64  ? 72  ILE A N   1 
ATOM   553 C CA  . ILE A 1 72  ? 8.199   -2.036  -9.111  1.00 43.43  ? 72  ILE A CA  1 
ATOM   554 C C   . ILE A 1 72  ? 8.165   -2.337  -10.603 1.00 43.13  ? 72  ILE A C   1 
ATOM   555 O O   . ILE A 1 72  ? 8.730   -1.590  -11.398 1.00 43.22  ? 72  ILE A O   1 
ATOM   556 C CB  . ILE A 1 72  ? 7.173   -0.949  -8.810  1.00 42.95  ? 72  ILE A CB  1 
ATOM   557 C CG1 . ILE A 1 72  ? 7.189   -0.626  -7.312  1.00 42.14  ? 72  ILE A CG1 1 
ATOM   558 C CG2 . ILE A 1 72  ? 5.802   -1.393  -9.273  1.00 44.86  ? 72  ILE A CG2 1 
ATOM   559 C CD1 . ILE A 1 72  ? 6.966   -1.829  -6.409  1.00 39.14  ? 72  ILE A CD1 1 
ATOM   560 N N   . SER A 1 73  ? 7.521   -3.441  -10.978 1.00 42.27  ? 73  SER A N   1 
ATOM   561 C CA  . SER A 1 73  ? 7.401   -3.802  -12.388 1.00 42.30  ? 73  SER A CA  1 
ATOM   562 C C   . SER A 1 73  ? 6.022   -4.385  -12.738 1.00 42.39  ? 73  SER A C   1 
ATOM   563 O O   . SER A 1 73  ? 5.752   -4.659  -13.901 1.00 43.91  ? 73  SER A O   1 
ATOM   564 C CB  . SER A 1 73  ? 8.526   -4.773  -12.806 1.00 41.77  ? 73  SER A CB  1 
ATOM   565 O OG  . SER A 1 73  ? 8.547   -5.951  -12.015 1.00 47.21  ? 73  SER A OG  1 
ATOM   566 N N   . SER A 1 74  ? 5.161   -4.575  -11.738 1.00 40.03  ? 74  SER A N   1 
ATOM   567 C CA  . SER A 1 74  ? 3.811   -5.098  -11.959 1.00 41.38  ? 74  SER A CA  1 
ATOM   568 C C   . SER A 1 74  ? 2.809   -4.277  -11.158 1.00 42.51  ? 74  SER A C   1 
ATOM   569 O O   . SER A 1 74  ? 3.089   -3.888  -10.030 1.00 43.81  ? 74  SER A O   1 
ATOM   570 C CB  . SER A 1 74  ? 3.695   -6.551  -11.510 1.00 40.32  ? 74  SER A CB  1 
ATOM   571 O OG  . SER A 1 74  ? 4.499   -7.394  -12.302 1.00 43.79  ? 74  SER A OG  1 
ATOM   572 N N   . MET A 1 75  ? 1.641   -4.020  -11.738 1.00 42.79  ? 75  MET A N   1 
ATOM   573 C CA  . MET A 1 75  ? 0.601   -3.248  -11.057 1.00 43.04  ? 75  MET A CA  1 
ATOM   574 C C   . MET A 1 75  ? -0.624  -4.138  -10.843 1.00 40.20  ? 75  MET A C   1 
ATOM   575 O O   . MET A 1 75  ? -1.061  -4.829  -11.749 1.00 37.31  ? 75  MET A O   1 
ATOM   576 C CB  . MET A 1 75  ? 0.170   -2.038  -11.896 1.00 45.63  ? 75  MET A CB  1 
ATOM   577 C CG  . MET A 1 75  ? 1.286   -1.322  -12.627 1.00 54.01  ? 75  MET A CG  1 
ATOM   578 S SD  . MET A 1 75  ? 2.561   -0.826  -11.504 1.00 60.03  ? 75  MET A SD  1 
ATOM   579 C CE  . MET A 1 75  ? 1.701   0.359   -10.576 1.00 58.33  ? 75  MET A CE  1 
ATOM   580 N N   . PRO A 1 76  ? -1.165  -4.162  -9.623  1.00 38.87  ? 76  PRO A N   1 
ATOM   581 C CA  . PRO A 1 76  ? -0.658  -3.398  -8.481  1.00 37.56  ? 76  PRO A CA  1 
ATOM   582 C C   . PRO A 1 76  ? 0.356   -4.244  -7.700  1.00 38.05  ? 76  PRO A C   1 
ATOM   583 O O   . PRO A 1 76  ? 0.409   -5.466  -7.865  1.00 37.33  ? 76  PRO A O   1 
ATOM   584 C CB  . PRO A 1 76  ? -1.917  -3.146  -7.661  1.00 37.38  ? 76  PRO A CB  1 
ATOM   585 C CG  . PRO A 1 76  ? -2.679  -4.431  -7.862  1.00 36.01  ? 76  PRO A CG  1 
ATOM   586 C CD  . PRO A 1 76  ? -2.526  -4.669  -9.355  1.00 36.99  ? 76  PRO A CD  1 
ATOM   587 N N   . THR A 1 77  ? 1.158   -3.588  -6.868  1.00 35.40  ? 77  THR A N   1 
ATOM   588 C CA  . THR A 1 77  ? 2.116   -4.272  -6.022  1.00 33.42  ? 77  THR A CA  1 
ATOM   589 C C   . THR A 1 77  ? 1.833   -3.756  -4.622  1.00 32.72  ? 77  THR A C   1 
ATOM   590 O O   . THR A 1 77  ? 1.661   -2.553  -4.430  1.00 32.76  ? 77  THR A O   1 
ATOM   591 C CB  . THR A 1 77  ? 3.586   -3.938  -6.370  1.00 35.63  ? 77  THR A CB  1 
ATOM   592 O OG1 . THR A 1 77  ? 3.898   -4.417  -7.678  1.00 39.85  ? 77  THR A OG1 1 
ATOM   593 C CG2 . THR A 1 77  ? 4.523   -4.598  -5.378  1.00 32.44  ? 77  THR A CG2 1 
ATOM   594 N N   . PHE A 1 78  ? 1.778   -4.663  -3.654  1.00 31.32  ? 78  PHE A N   1 
ATOM   595 C CA  . PHE A 1 78  ? 1.518   -4.303  -2.279  1.00 33.18  ? 78  PHE A CA  1 
ATOM   596 C C   . PHE A 1 78  ? 2.717   -4.646  -1.412  1.00 35.04  ? 78  PHE A C   1 
ATOM   597 O O   . PHE A 1 78  ? 3.204   -5.778  -1.423  1.00 35.88  ? 78  PHE A O   1 
ATOM   598 C CB  . PHE A 1 78  ? 0.284   -5.056  -1.758  1.00 34.20  ? 78  PHE A CB  1 
ATOM   599 C CG  . PHE A 1 78  ? -0.989  -4.708  -2.478  1.00 35.52  ? 78  PHE A CG  1 
ATOM   600 C CD1 . PHE A 1 78  ? -1.661  -3.519  -2.196  1.00 35.85  ? 78  PHE A CD1 1 
ATOM   601 C CD2 . PHE A 1 78  ? -1.504  -5.555  -3.456  1.00 33.44  ? 78  PHE A CD2 1 
ATOM   602 C CE1 . PHE A 1 78  ? -2.827  -3.177  -2.878  1.00 35.82  ? 78  PHE A CE1 1 
ATOM   603 C CE2 . PHE A 1 78  ? -2.673  -5.225  -4.147  1.00 33.47  ? 78  PHE A CE2 1 
ATOM   604 C CZ  . PHE A 1 78  ? -3.334  -4.035  -3.858  1.00 37.26  ? 78  PHE A CZ  1 
ATOM   605 N N   . VAL A 1 79  ? 3.198   -3.660  -0.670  1.00 36.50  ? 79  VAL A N   1 
ATOM   606 C CA  . VAL A 1 79  ? 4.320   -3.868  0.238   1.00 36.17  ? 79  VAL A CA  1 
ATOM   607 C C   . VAL A 1 79  ? 3.757   -3.649  1.638   1.00 36.10  ? 79  VAL A C   1 
ATOM   608 O O   . VAL A 1 79  ? 3.109   -2.641  1.903   1.00 35.08  ? 79  VAL A O   1 
ATOM   609 C CB  . VAL A 1 79  ? 5.461   -2.868  -0.045  1.00 36.54  ? 79  VAL A CB  1 
ATOM   610 C CG1 . VAL A 1 79  ? 6.673   -3.177  0.831   1.00 36.99  ? 79  VAL A CG1 1 
ATOM   611 C CG2 . VAL A 1 79  ? 5.840   -2.941  -1.513  1.00 36.36  ? 79  VAL A CG2 1 
ATOM   612 N N   . PHE A 1 80  ? 3.985   -4.612  2.520   1.00 37.08  ? 80  PHE A N   1 
ATOM   613 C CA  . PHE A 1 80  ? 3.484   -4.535  3.878   1.00 38.29  ? 80  PHE A CA  1 
ATOM   614 C C   . PHE A 1 80  ? 4.606   -4.252  4.857   1.00 40.46  ? 80  PHE A C   1 
ATOM   615 O O   . PHE A 1 80  ? 5.591   -4.989  4.927   1.00 40.70  ? 80  PHE A O   1 
ATOM   616 C CB  . PHE A 1 80  ? 2.759   -5.838  4.240   1.00 38.92  ? 80  PHE A CB  1 
ATOM   617 C CG  . PHE A 1 80  ? 1.572   -6.133  3.353   1.00 37.86  ? 80  PHE A CG  1 
ATOM   618 C CD1 . PHE A 1 80  ? 1.744   -6.746  2.114   1.00 35.03  ? 80  PHE A CD1 1 
ATOM   619 C CD2 . PHE A 1 80  ? 0.286   -5.772  3.750   1.00 38.80  ? 80  PHE A CD2 1 
ATOM   620 C CE1 . PHE A 1 80  ? 0.642   -7.000  1.276   1.00 38.08  ? 80  PHE A CE1 1 
ATOM   621 C CE2 . PHE A 1 80  ? -0.824  -6.021  2.919   1.00 38.39  ? 80  PHE A CE2 1 
ATOM   622 C CZ  . PHE A 1 80  ? -0.642  -6.634  1.684   1.00 35.87  ? 80  PHE A CZ  1 
ATOM   623 N N   . LEU A 1 81  ? 4.448   -3.170  5.612   1.00 41.07  ? 81  LEU A N   1 
ATOM   624 C CA  . LEU A 1 81  ? 5.457   -2.759  6.571   1.00 41.02  ? 81  LEU A CA  1 
ATOM   625 C C   . LEU A 1 81  ? 4.907   -2.637  7.973   1.00 42.42  ? 81  LEU A C   1 
ATOM   626 O O   . LEU A 1 81  ? 3.862   -2.028  8.190   1.00 44.41  ? 81  LEU A O   1 
ATOM   627 C CB  . LEU A 1 81  ? 6.044   -1.411  6.156   1.00 40.25  ? 81  LEU A CB  1 
ATOM   628 C CG  . LEU A 1 81  ? 6.642   -1.374  4.752   1.00 40.33  ? 81  LEU A CG  1 
ATOM   629 C CD1 . LEU A 1 81  ? 6.921   0.049   4.330   1.00 41.66  ? 81  LEU A CD1 1 
ATOM   630 C CD2 . LEU A 1 81  ? 7.907   -2.204  4.737   1.00 42.65  ? 81  LEU A CD2 1 
ATOM   631 N N   . LYS A 1 82  ? 5.610   -3.226  8.929   1.00 43.12  ? 82  LYS A N   1 
ATOM   632 C CA  . LYS A 1 82  ? 5.213   -3.122  10.324  1.00 45.27  ? 82  LYS A CA  1 
ATOM   633 C C   . LYS A 1 82  ? 6.495   -2.854  11.119  1.00 44.90  ? 82  LYS A C   1 
ATOM   634 O O   . LYS A 1 82  ? 7.436   -3.654  11.090  1.00 44.25  ? 82  LYS A O   1 
ATOM   635 C CB  . LYS A 1 82  ? 4.531   -4.405  10.803  1.00 45.49  ? 82  LYS A CB  1 
ATOM   636 C CG  . LYS A 1 82  ? 3.769   -4.243  12.116  1.00 47.09  ? 82  LYS A CG  1 
ATOM   637 C CD  . LYS A 1 82  ? 3.010   -5.515  12.465  1.00 54.16  ? 82  LYS A CD  1 
ATOM   638 C CE  . LYS A 1 82  ? 2.268   -5.396  13.799  1.00 57.26  ? 82  LYS A CE  1 
ATOM   639 N NZ  . LYS A 1 82  ? 1.352   -4.216  13.830  1.00 59.98  ? 82  LYS A NZ  1 
ATOM   640 N N   . ASN A 1 83  ? 6.526   -1.706  11.792  1.00 44.23  ? 83  ASN A N   1 
ATOM   641 C CA  . ASN A 1 83  ? 7.669   -1.285  12.599  1.00 44.23  ? 83  ASN A CA  1 
ATOM   642 C C   . ASN A 1 83  ? 8.978   -1.285  11.800  1.00 44.14  ? 83  ASN A C   1 
ATOM   643 O O   . ASN A 1 83  ? 9.999   -1.830  12.234  1.00 44.59  ? 83  ASN A O   1 
ATOM   644 C CB  . ASN A 1 83  ? 7.781   -2.175  13.848  1.00 42.47  ? 83  ASN A CB  1 
ATOM   645 C CG  . ASN A 1 83  ? 6.574   -2.025  14.780  1.00 43.88  ? 83  ASN A CG  1 
ATOM   646 O OD1 . ASN A 1 83  ? 6.156   -0.908  15.102  1.00 45.70  ? 83  ASN A OD1 1 
ATOM   647 N ND2 . ASN A 1 83  ? 6.016   -3.145  15.213  1.00 39.29  ? 83  ASN A ND2 1 
ATOM   648 N N   . GLY A 1 84  ? 8.927   -0.668  10.621  1.00 42.18  ? 84  GLY A N   1 
ATOM   649 C CA  . GLY A 1 84  ? 10.093  -0.563  9.761   1.00 40.34  ? 84  GLY A CA  1 
ATOM   650 C C   . GLY A 1 84  ? 10.498  -1.823  9.026   1.00 41.64  ? 84  GLY A C   1 
ATOM   651 O O   . GLY A 1 84  ? 11.332  -1.765  8.126   1.00 40.53  ? 84  GLY A O   1 
ATOM   652 N N   . VAL A 1 85  ? 9.922   -2.961  9.405   1.00 44.30  ? 85  VAL A N   1 
ATOM   653 C CA  . VAL A 1 85  ? 10.238  -4.229  8.758   1.00 45.97  ? 85  VAL A CA  1 
ATOM   654 C C   . VAL A 1 85  ? 9.232   -4.582  7.668   1.00 48.12  ? 85  VAL A C   1 
ATOM   655 O O   . VAL A 1 85  ? 8.023   -4.425  7.842   1.00 49.03  ? 85  VAL A O   1 
ATOM   656 C CB  . VAL A 1 85  ? 10.279  -5.390  9.782   1.00 46.68  ? 85  VAL A CB  1 
ATOM   657 C CG1 . VAL A 1 85  ? 10.445  -6.721  9.061   1.00 45.86  ? 85  VAL A CG1 1 
ATOM   658 C CG2 . VAL A 1 85  ? 11.436  -5.190  10.753  1.00 47.71  ? 85  VAL A CG2 1 
ATOM   659 N N   . LYS A 1 86  ? 9.738   -5.057  6.537   1.00 49.51  ? 86  LYS A N   1 
ATOM   660 C CA  . LYS A 1 86  ? 8.880   -5.444  5.435   1.00 50.78  ? 86  LYS A CA  1 
ATOM   661 C C   . LYS A 1 86  ? 8.386   -6.867  5.713   1.00 51.13  ? 86  LYS A C   1 
ATOM   662 O O   . LYS A 1 86  ? 9.093   -7.840  5.463   1.00 51.98  ? 86  LYS A O   1 
ATOM   663 C CB  . LYS A 1 86  ? 9.669   -5.395  4.128   1.00 51.37  ? 86  LYS A CB  1 
ATOM   664 C CG  . LYS A 1 86  ? 8.798   -5.313  2.903   1.00 56.72  ? 86  LYS A CG  1 
ATOM   665 C CD  . LYS A 1 86  ? 9.625   -5.009  1.662   1.00 59.99  ? 86  LYS A CD  1 
ATOM   666 C CE  . LYS A 1 86  ? 10.528  -6.172  1.316   1.00 61.18  ? 86  LYS A CE  1 
ATOM   667 N NZ  . LYS A 1 86  ? 11.277  -5.947  0.052   1.00 65.19  ? 86  LYS A NZ  1 
ATOM   668 N N   . VAL A 1 87  ? 7.170   -6.988  6.236   1.00 49.69  ? 87  VAL A N   1 
ATOM   669 C CA  . VAL A 1 87  ? 6.618   -8.300  6.553   1.00 48.06  ? 87  VAL A CA  1 
ATOM   670 C C   . VAL A 1 87  ? 6.143   -9.119  5.361   1.00 47.22  ? 87  VAL A C   1 
ATOM   671 O O   . VAL A 1 87  ? 6.125   -10.347 5.425   1.00 48.48  ? 87  VAL A O   1 
ATOM   672 C CB  . VAL A 1 87  ? 5.439   -8.190  7.539   1.00 48.51  ? 87  VAL A CB  1 
ATOM   673 C CG1 . VAL A 1 87  ? 5.924   -7.625  8.864   1.00 50.52  ? 87  VAL A CG1 1 
ATOM   674 C CG2 . VAL A 1 87  ? 4.354   -7.312  6.958   1.00 46.51  ? 87  VAL A CG2 1 
ATOM   675 N N   . GLU A 1 88  ? 5.760   -8.454  4.277   1.00 45.60  ? 88  GLU A N   1 
ATOM   676 C CA  . GLU A 1 88  ? 5.261   -9.165  3.114   1.00 45.66  ? 88  GLU A CA  1 
ATOM   677 C C   . GLU A 1 88  ? 5.247   -8.273  1.874   1.00 45.07  ? 88  GLU A C   1 
ATOM   678 O O   . GLU A 1 88  ? 5.339   -7.053  1.970   1.00 43.80  ? 88  GLU A O   1 
ATOM   679 C CB  . GLU A 1 88  ? 3.846   -9.675  3.422   1.00 49.53  ? 88  GLU A CB  1 
ATOM   680 C CG  . GLU A 1 88  ? 3.124   -10.417 2.296   1.00 53.25  ? 88  GLU A CG  1 
ATOM   681 C CD  . GLU A 1 88  ? 3.754   -11.762 1.959   1.00 55.89  ? 88  GLU A CD  1 
ATOM   682 O OE1 . GLU A 1 88  ? 4.612   -11.821 1.049   1.00 55.46  ? 88  GLU A OE1 1 
ATOM   683 O OE2 . GLU A 1 88  ? 3.392   -12.760 2.618   1.00 54.94  ? 88  GLU A OE2 1 
ATOM   684 N N   . GLU A 1 89  ? 5.134   -8.901  0.711   1.00 44.64  ? 89  GLU A N   1 
ATOM   685 C CA  . GLU A 1 89  ? 5.101   -8.200  -0.559  1.00 45.51  ? 89  GLU A CA  1 
ATOM   686 C C   . GLU A 1 89  ? 4.647   -9.160  -1.650  1.00 45.43  ? 89  GLU A C   1 
ATOM   687 O O   . GLU A 1 89  ? 5.069   -10.309 -1.677  1.00 48.64  ? 89  GLU A O   1 
ATOM   688 C CB  . GLU A 1 89  ? 6.487   -7.658  -0.909  1.00 44.85  ? 89  GLU A CB  1 
ATOM   689 C CG  . GLU A 1 89  ? 6.601   -7.169  -2.347  1.00 49.31  ? 89  GLU A CG  1 
ATOM   690 C CD  . GLU A 1 89  ? 7.953   -6.541  -2.672  1.00 50.67  ? 89  GLU A CD  1 
ATOM   691 O OE1 . GLU A 1 89  ? 8.162   -6.160  -3.843  1.00 51.44  ? 89  GLU A OE1 1 
ATOM   692 O OE2 . GLU A 1 89  ? 8.802   -6.422  -1.762  1.00 53.42  ? 89  GLU A OE2 1 
ATOM   693 N N   . PHE A 1 90  ? 3.768   -8.696  -2.529  1.00 44.61  ? 90  PHE A N   1 
ATOM   694 C CA  . PHE A 1 90  ? 3.279   -9.506  -3.644  1.00 42.81  ? 90  PHE A CA  1 
ATOM   695 C C   . PHE A 1 90  ? 2.594   -8.589  -4.656  1.00 43.35  ? 90  PHE A C   1 
ATOM   696 O O   . PHE A 1 90  ? 2.058   -7.540  -4.292  1.00 43.20  ? 90  PHE A O   1 
ATOM   697 C CB  . PHE A 1 90  ? 2.302   -10.594 -3.164  1.00 42.09  ? 90  PHE A CB  1 
ATOM   698 C CG  . PHE A 1 90  ? 0.957   -10.071 -2.695  1.00 42.70  ? 90  PHE A CG  1 
ATOM   699 C CD1 . PHE A 1 90  ? 0.681   -9.928  -1.339  1.00 40.50  ? 90  PHE A CD1 1 
ATOM   700 C CD2 . PHE A 1 90  ? -0.037  -9.734  -3.617  1.00 43.36  ? 90  PHE A CD2 1 
ATOM   701 C CE1 . PHE A 1 90  ? -0.560  -9.458  -0.908  1.00 41.02  ? 90  PHE A CE1 1 
ATOM   702 C CE2 . PHE A 1 90  ? -1.279  -9.262  -3.195  1.00 42.19  ? 90  PHE A CE2 1 
ATOM   703 C CZ  . PHE A 1 90  ? -1.541  -9.125  -1.835  1.00 41.03  ? 90  PHE A CZ  1 
ATOM   704 N N   . ALA A 1 91  ? 2.618   -8.976  -5.925  1.00 42.40  ? 91  ALA A N   1 
ATOM   705 C CA  . ALA A 1 91  ? 1.993   -8.173  -6.970  1.00 41.96  ? 91  ALA A CA  1 
ATOM   706 C C   . ALA A 1 91  ? 0.656   -8.782  -7.392  1.00 41.62  ? 91  ALA A C   1 
ATOM   707 O O   . ALA A 1 91  ? 0.431   -9.966  -7.199  1.00 43.42  ? 91  ALA A O   1 
ATOM   708 C CB  . ALA A 1 91  ? 2.924   -8.080  -8.160  1.00 40.12  ? 91  ALA A CB  1 
ATOM   709 N N   . GLY A 1 92  ? -0.239  -7.972  -7.945  1.00 41.90  ? 92  GLY A N   1 
ATOM   710 C CA  . GLY A 1 92  ? -1.518  -8.495  -8.393  1.00 41.20  ? 92  GLY A CA  1 
ATOM   711 C C   . GLY A 1 92  ? -2.741  -8.178  -7.547  1.00 41.76  ? 92  GLY A C   1 
ATOM   712 O O   . GLY A 1 92  ? -2.671  -8.096  -6.324  1.00 42.50  ? 92  GLY A O   1 
ATOM   713 N N   . ALA A 1 93  ? -3.880  -8.025  -8.213  1.00 42.35  ? 93  ALA A N   1 
ATOM   714 C CA  . ALA A 1 93  ? -5.132  -7.716  -7.540  1.00 42.29  ? 93  ALA A CA  1 
ATOM   715 C C   . ALA A 1 93  ? -5.785  -8.966  -6.958  1.00 42.96  ? 93  ALA A C   1 
ATOM   716 O O   . ALA A 1 93  ? -6.849  -9.384  -7.397  1.00 42.08  ? 93  ALA A O   1 
ATOM   717 C CB  . ALA A 1 93  ? -6.079  -7.044  -8.512  1.00 42.49  ? 93  ALA A CB  1 
ATOM   718 N N   . ASN A 1 94  ? -5.141  -9.565  -5.969  1.00 44.73  ? 94  ASN A N   1 
ATOM   719 C CA  . ASN A 1 94  ? -5.691  -10.751 -5.335  1.00 46.04  ? 94  ASN A CA  1 
ATOM   720 C C   . ASN A 1 94  ? -6.366  -10.307 -4.045  1.00 47.09  ? 94  ASN A C   1 
ATOM   721 O O   . ASN A 1 94  ? -5.743  -10.305 -2.986  1.00 47.54  ? 94  ASN A O   1 
ATOM   722 C CB  . ASN A 1 94  ? -4.573  -11.745 -5.020  1.00 47.36  ? 94  ASN A CB  1 
ATOM   723 C CG  . ASN A 1 94  ? -5.098  -13.076 -4.524  1.00 49.37  ? 94  ASN A CG  1 
ATOM   724 O OD1 . ASN A 1 94  ? -6.210  -13.159 -3.986  1.00 48.96  ? 94  ASN A OD1 1 
ATOM   725 N ND2 . ASN A 1 94  ? -4.298  -14.126 -4.690  1.00 46.28  ? 94  ASN A ND2 1 
ATOM   726 N N   . ALA A 1 95  ? -7.637  -9.926  -4.143  1.00 48.13  ? 95  ALA A N   1 
ATOM   727 C CA  . ALA A 1 95  ? -8.404  -9.459  -2.992  1.00 48.18  ? 95  ALA A CA  1 
ATOM   728 C C   . ALA A 1 95  ? -8.309  -10.383 -1.782  1.00 49.40  ? 95  ALA A C   1 
ATOM   729 O O   . ALA A 1 95  ? -8.218  -9.921  -0.643  1.00 49.18  ? 95  ALA A O   1 
ATOM   730 C CB  . ALA A 1 95  ? -9.866  -9.272  -3.388  1.00 47.44  ? 95  ALA A CB  1 
ATOM   731 N N   . LYS A 1 96  ? -8.331  -11.689 -2.018  1.00 50.87  ? 96  LYS A N   1 
ATOM   732 C CA  . LYS A 1 96  ? -8.258  -12.642 -0.918  1.00 53.18  ? 96  LYS A CA  1 
ATOM   733 C C   . LYS A 1 96  ? -6.917  -12.638 -0.188  1.00 51.63  ? 96  LYS A C   1 
ATOM   734 O O   . LYS A 1 96  ? -6.883  -12.670 1.043   1.00 50.74  ? 96  LYS A O   1 
ATOM   735 C CB  . LYS A 1 96  ? -8.572  -14.056 -1.413  1.00 57.25  ? 96  LYS A CB  1 
ATOM   736 C CG  . LYS A 1 96  ? -10.048 -14.282 -1.710  1.00 64.63  ? 96  LYS A CG  1 
ATOM   737 C CD  . LYS A 1 96  ? -10.312 -15.660 -2.323  1.00 68.72  ? 96  LYS A CD  1 
ATOM   738 C CE  . LYS A 1 96  ? -9.657  -15.799 -3.693  1.00 70.21  ? 96  LYS A CE  1 
ATOM   739 N NZ  . LYS A 1 96  ? -10.118 -17.038 -4.373  1.00 71.78  ? 96  LYS A NZ  1 
ATOM   740 N N   . ARG A 1 97  ? -5.814  -12.599 -0.930  1.00 49.52  ? 97  ARG A N   1 
ATOM   741 C CA  . ARG A 1 97  ? -4.504  -12.593 -0.289  1.00 48.92  ? 97  ARG A CA  1 
ATOM   742 C C   . ARG A 1 97  ? -4.266  -11.268 0.433   1.00 49.07  ? 97  ARG A C   1 
ATOM   743 O O   . ARG A 1 97  ? -3.582  -11.217 1.464   1.00 48.65  ? 97  ARG A O   1 
ATOM   744 C CB  . ARG A 1 97  ? -3.391  -12.832 -1.310  1.00 50.71  ? 97  ARG A CB  1 
ATOM   745 C CG  . ARG A 1 97  ? -2.351  -13.825 -0.803  1.00 56.29  ? 97  ARG A CG  1 
ATOM   746 C CD  . ARG A 1 97  ? -0.930  -13.271 -0.759  1.00 58.72  ? 97  ARG A CD  1 
ATOM   747 N NE  . ARG A 1 97  ? -0.150  -13.622 -1.945  1.00 60.32  ? 97  ARG A NE  1 
ATOM   748 C CZ  . ARG A 1 97  ? 1.177   -13.743 -1.955  1.00 61.73  ? 97  ARG A CZ  1 
ATOM   749 N NH1 . ARG A 1 97  ? 1.808   -14.064 -3.079  1.00 61.78  ? 97  ARG A NH1 1 
ATOM   750 N NH2 . ARG A 1 97  ? 1.874   -13.554 -0.837  1.00 61.02  ? 97  ARG A NH2 1 
ATOM   751 N N   . LEU A 1 98  ? -4.840  -10.197 -0.107  1.00 47.42  ? 98  LEU A N   1 
ATOM   752 C CA  . LEU A 1 98  ? -4.696  -8.874  0.481   1.00 45.84  ? 98  LEU A CA  1 
ATOM   753 C C   . LEU A 1 98  ? -5.333  -8.849  1.864   1.00 47.68  ? 98  LEU A C   1 
ATOM   754 O O   . LEU A 1 98  ? -4.756  -8.315  2.813   1.00 47.91  ? 98  LEU A O   1 
ATOM   755 C CB  . LEU A 1 98  ? -5.357  -7.836  -0.421  1.00 45.04  ? 98  LEU A CB  1 
ATOM   756 C CG  . LEU A 1 98  ? -5.592  -6.429  0.124   1.00 45.39  ? 98  LEU A CG  1 
ATOM   757 C CD1 . LEU A 1 98  ? -4.287  -5.800  0.562   1.00 44.65  ? 98  LEU A CD1 1 
ATOM   758 C CD2 . LEU A 1 98  ? -6.253  -5.595  -0.962  1.00 45.21  ? 98  LEU A CD2 1 
ATOM   759 N N   . GLU A 1 99  ? -6.517  -9.443  1.981   1.00 47.36  ? 99  GLU A N   1 
ATOM   760 C CA  . GLU A 1 99  ? -7.224  -9.473  3.256   1.00 47.29  ? 99  GLU A CA  1 
ATOM   761 C C   . GLU A 1 99  ? -6.574  -10.425 4.259   1.00 48.36  ? 99  GLU A C   1 
ATOM   762 O O   . GLU A 1 99  ? -6.587  -10.161 5.464   1.00 46.86  ? 99  GLU A O   1 
ATOM   763 C CB  . GLU A 1 99  ? -8.686  -9.868  3.043   1.00 48.55  ? 99  GLU A CB  1 
ATOM   764 C CG  . GLU A 1 99  ? -9.526  -9.811  4.311   1.00 52.55  ? 99  GLU A CG  1 
ATOM   765 C CD  . GLU A 1 99  ? -10.978 -10.210 4.079   1.00 56.17  ? 99  GLU A CD  1 
ATOM   766 O OE1 . GLU A 1 99  ? -11.740 -10.268 5.073   1.00 57.50  ? 99  GLU A OE1 1 
ATOM   767 O OE2 . GLU A 1 99  ? -11.355 -10.464 2.910   1.00 56.33  ? 99  GLU A OE2 1 
ATOM   768 N N   . ASP A 1 100 ? -6.005  -11.524 3.764   1.00 48.89  ? 100 ASP A N   1 
ATOM   769 C CA  . ASP A 1 100 ? -5.346  -12.501 4.632   1.00 51.00  ? 100 ASP A CA  1 
ATOM   770 C C   . ASP A 1 100 ? -4.085  -11.919 5.246   1.00 50.95  ? 100 ASP A C   1 
ATOM   771 O O   . ASP A 1 100 ? -3.798  -12.145 6.425   1.00 51.32  ? 100 ASP A O   1 
ATOM   772 C CB  . ASP A 1 100 ? -4.984  -13.768 3.847   1.00 53.85  ? 100 ASP A CB  1 
ATOM   773 C CG  . ASP A 1 100 ? -6.195  -14.659 3.567   1.00 56.90  ? 100 ASP A CG  1 
ATOM   774 O OD1 . ASP A 1 100 ? -6.040  -15.621 2.782   1.00 58.49  ? 100 ASP A OD1 1 
ATOM   775 O OD2 . ASP A 1 100 ? -7.290  -14.406 4.130   1.00 56.03  ? 100 ASP A OD2 1 
ATOM   776 N N   . VAL A 1 101 ? -3.326  -11.172 4.444   1.00 50.99  ? 101 VAL A N   1 
ATOM   777 C CA  . VAL A 1 101 ? -2.098  -10.554 4.928   1.00 48.89  ? 101 VAL A CA  1 
ATOM   778 C C   . VAL A 1 101 ? -2.426  -9.488  5.960   1.00 48.57  ? 101 VAL A C   1 
ATOM   779 O O   . VAL A 1 101 ? -1.760  -9.394  6.988   1.00 49.29  ? 101 VAL A O   1 
ATOM   780 C CB  . VAL A 1 101 ? -1.301  -9.909  3.790   1.00 49.33  ? 101 VAL A CB  1 
ATOM   781 C CG1 . VAL A 1 101 ? -0.054  -9.222  4.334   1.00 46.91  ? 101 VAL A CG1 1 
ATOM   782 C CG2 . VAL A 1 101 ? -0.907  -10.919 2.857   1.00 51.67  ? 101 VAL A CG2 1 
ATOM   783 N N   . ILE A 1 102 ? -3.456  -8.688  5.700   1.00 48.42  ? 102 ILE A N   1 
ATOM   784 C CA  . ILE A 1 102 ? -3.829  -7.653  6.653   1.00 50.05  ? 102 ILE A CA  1 
ATOM   785 C C   . ILE A 1 102 ? -4.263  -8.249  7.989   1.00 52.88  ? 102 ILE A C   1 
ATOM   786 O O   . ILE A 1 102 ? -3.838  -7.783  9.046   1.00 53.39  ? 102 ILE A O   1 
ATOM   787 C CB  . ILE A 1 102 ? -4.945  -6.746  6.115   1.00 46.17  ? 102 ILE A CB  1 
ATOM   788 C CG1 . ILE A 1 102 ? -4.377  -5.826  5.035   1.00 46.72  ? 102 ILE A CG1 1 
ATOM   789 C CG2 . ILE A 1 102 ? -5.519  -5.914  7.247   1.00 45.66  ? 102 ILE A CG2 1 
ATOM   790 C CD1 . ILE A 1 102 ? -5.379  -4.859  4.445   1.00 46.62  ? 102 ILE A CD1 1 
ATOM   791 N N   . LYS A 1 103 ? -5.098  -9.282  7.945   1.00 55.00  ? 103 LYS A N   1 
ATOM   792 C CA  . LYS A 1 103 ? -5.559  -9.914  9.172   1.00 57.65  ? 103 LYS A CA  1 
ATOM   793 C C   . LYS A 1 103 ? -4.461  -10.708 9.878   1.00 57.68  ? 103 LYS A C   1 
ATOM   794 O O   . LYS A 1 103 ? -4.529  -10.928 11.080  1.00 58.06  ? 103 LYS A O   1 
ATOM   795 C CB  . LYS A 1 103 ? -6.774  -10.806 8.888   1.00 59.67  ? 103 LYS A CB  1 
ATOM   796 C CG  . LYS A 1 103 ? -8.049  -10.010 8.632   1.00 64.55  ? 103 LYS A CG  1 
ATOM   797 C CD  . LYS A 1 103 ? -9.276  -10.909 8.556   1.00 68.32  ? 103 LYS A CD  1 
ATOM   798 C CE  . LYS A 1 103 ? -10.573 -10.089 8.543   1.00 71.60  ? 103 LYS A CE  1 
ATOM   799 N NZ  . LYS A 1 103 ? -11.786 -10.937 8.316   1.00 73.37  ? 103 LYS A NZ  1 
ATOM   800 N N   . ALA A 1 104 ? -3.437  -11.120 9.140   1.00 58.29  ? 104 ALA A N   1 
ATOM   801 C CA  . ALA A 1 104 ? -2.344  -11.882 9.732   1.00 58.10  ? 104 ALA A CA  1 
ATOM   802 C C   . ALA A 1 104 ? -1.271  -11.016 10.392  1.00 59.35  ? 104 ALA A C   1 
ATOM   803 O O   . ALA A 1 104 ? -0.445  -11.528 11.147  1.00 60.04  ? 104 ALA A O   1 
ATOM   804 C CB  . ALA A 1 104 ? -1.705  -12.772 8.680   1.00 56.68  ? 104 ALA A CB  1 
ATOM   805 N N   . ASN A 1 105 ? -1.276  -9.713  10.121  1.00 60.03  ? 105 ASN A N   1 
ATOM   806 C CA  . ASN A 1 105 ? -0.261  -8.839  10.698  1.00 61.67  ? 105 ASN A CA  1 
ATOM   807 C C   . ASN A 1 105 ? -0.761  -7.657  11.518  1.00 64.16  ? 105 ASN A C   1 
ATOM   808 O O   . ASN A 1 105 ? 0.017   -6.755  11.825  1.00 64.71  ? 105 ASN A O   1 
ATOM   809 C CB  . ASN A 1 105 ? 0.678   -8.308  9.606   1.00 60.67  ? 105 ASN A CB  1 
ATOM   810 C CG  . ASN A 1 105 ? 1.469   -9.408  8.923   1.00 58.72  ? 105 ASN A CG  1 
ATOM   811 O OD1 . ASN A 1 105 ? 0.971   -10.079 8.020   1.00 59.23  ? 105 ASN A OD1 1 
ATOM   812 N ND2 . ASN A 1 105 ? 2.706   -9.603  9.358   1.00 57.87  ? 105 ASN A ND2 1 
ATOM   813 N N   . ILE A 1 106 ? -2.042  -7.639  11.873  1.00 66.81  ? 106 ILE A N   1 
ATOM   814 C CA  . ILE A 1 106 ? -2.551  -6.527  12.678  1.00 68.63  ? 106 ILE A CA  1 
ATOM   815 C C   . ILE A 1 106 ? -2.545  -6.895  14.153  1.00 69.93  ? 106 ILE A C   1 
ATOM   816 O O   . ILE A 1 106 ? -2.269  -8.077  14.457  1.00 70.27  ? 106 ILE A O   1 
ATOM   817 C CB  . ILE A 1 106 ? -3.993  -6.116  12.285  1.00 68.50  ? 106 ILE A CB  1 
ATOM   818 C CG1 . ILE A 1 106 ? -4.925  -7.327  12.352  1.00 68.05  ? 106 ILE A CG1 1 
ATOM   819 C CG2 . ILE A 1 106 ? -3.989  -5.471  10.911  1.00 68.47  ? 106 ILE A CG2 1 
ATOM   820 C CD1 . ILE A 1 106 ? -6.382  -6.996  12.116  1.00 67.85  ? 106 ILE A CD1 1 
ATOM   821 O OXT . ILE A 1 106 ? -2.821  -5.995  14.980  1.00 71.70  ? 106 ILE A OXT 1 
HETATM 822 O O   . HOH B 2 .   ? 1.145   9.055   -5.232  1.00 55.92  ? 107 HOH A O   1 
HETATM 823 O O   . HOH B 2 .   ? 1.061   7.923   8.693   1.00 63.20  ? 108 HOH A O   1 
HETATM 824 O O   . HOH B 2 .   ? -2.887  1.030   16.951  1.00 56.21  ? 109 HOH A O   1 
HETATM 825 O O   . HOH B 2 .   ? 4.656   0.047   11.549  1.00 47.15  ? 110 HOH A O   1 
HETATM 826 O O   . HOH B 2 .   ? -1.028  6.364   -13.155 1.00 47.95  ? 111 HOH A O   1 
HETATM 827 O O   . HOH B 2 .   ? -8.334  11.039  -9.836  1.00 57.98  ? 112 HOH A O   1 
HETATM 828 O O   . HOH B 2 .   ? -9.200  8.814   8.022   1.00 79.10  ? 113 HOH A O   1 
HETATM 829 O O   . HOH B 2 .   ? 15.107  5.575   -3.329  1.00 66.62  ? 114 HOH A O   1 
HETATM 830 O O   . HOH B 2 .   ? 9.977   12.020  -3.945  1.00 81.30  ? 115 HOH A O   1 
HETATM 831 O O   . HOH B 2 .   ? 10.051  6.476   -0.927  1.00 109.48 ? 116 HOH A O   1 
HETATM 832 O O   . HOH B 2 .   ? 6.475   -4.906  -9.201  1.00 50.34  ? 117 HOH A O   1 
HETATM 833 O O   . HOH B 2 .   ? -1.412  -7.418  -11.992 1.00 46.49  ? 118 HOH A O   1 
HETATM 834 O O   . HOH B 2 .   ? -3.607  -8.576  -10.934 1.00 51.98  ? 119 HOH A O   1 
HETATM 835 O O   . HOH B 2 .   ? -2.423  -11.127 -10.622 1.00 49.72  ? 120 HOH A O   1 
HETATM 836 O O   . HOH B 2 .   ? 9.326   -8.573  0.580   1.00 94.09  ? 121 HOH A O   1 
HETATM 837 O O   . HOH B 2 .   ? 3.663   -11.750 -6.170  1.00 61.97  ? 122 HOH A O   1 
HETATM 838 O O   . HOH B 2 .   ? 4.185   -14.330 -4.040  1.00 70.75  ? 123 HOH A O   1 
HETATM 839 O O   . HOH B 2 .   ? 4.716   -12.718 7.920   1.00 80.04  ? 124 HOH A O   1 
HETATM 840 O O   . HOH B 2 .   ? -12.892 -17.949 2.649   1.00 67.70  ? 125 HOH A O   1 
HETATM 841 O O   . HOH B 2 .   ? 3.231   1.966   18.974  1.00 62.40  ? 126 HOH A O   1 
HETATM 842 O O   . HOH B 2 .   ? 10.316  -6.794  -8.592  1.00 56.12  ? 127 HOH A O   1 
HETATM 843 O O   . HOH B 2 .   ? -5.945  0.832   -6.849  1.00 60.68  ? 128 HOH A O   1 
HETATM 844 O O   . HOH B 2 .   ? 14.989  -1.858  -3.116  1.00 66.16  ? 129 HOH A O   1 
HETATM 845 O O   . HOH B 2 .   ? -5.656  4.336   5.773   1.00 44.68  ? 130 HOH A O   1 
HETATM 846 O O   . HOH B 2 .   ? -13.841 5.542   4.632   1.00 56.92  ? 131 HOH A O   1 
HETATM 847 O O   . HOH B 2 .   ? 16.263  4.403   0.940   1.00 62.23  ? 132 HOH A O   1 
HETATM 848 O O   . HOH B 2 .   ? 15.048  6.905   -7.115  1.00 71.87  ? 133 HOH A O   1 
HETATM 849 O O   . HOH B 2 .   ? 12.458  6.795   -11.978 1.00 91.43  ? 134 HOH A O   1 
HETATM 850 O O   . HOH B 2 .   ? -13.748 -12.494 9.059   1.00 69.62  ? 135 HOH A O   1 
HETATM 851 O O   . HOH B 2 .   ? 11.776  12.839  3.037   1.00 82.67  ? 136 HOH A O   1 
HETATM 852 O O   . HOH B 2 .   ? 6.084   1.304   17.191  1.00 60.94  ? 137 HOH A O   1 
HETATM 853 O O   . HOH B 2 .   ? -0.517  2.587   16.772  1.00 64.24  ? 138 HOH A O   1 
HETATM 854 O O   . HOH B 2 .   ? -12.687 -13.109 12.576  1.00 86.23  ? 139 HOH A O   1 
HETATM 855 O O   . HOH B 2 .   ? -9.314  -1.109  13.407  1.00 62.04  ? 140 HOH A O   1 
HETATM 856 O O   . HOH B 2 .   ? -6.592  -4.216  11.927  1.00 108.29 ? 141 HOH A O   1 
HETATM 857 O O   . HOH B 2 .   ? 0.931   5.564   -11.895 1.00 105.46 ? 142 HOH A O   1 
HETATM 858 O O   . HOH B 2 .   ? 2.896   10.228  -15.002 1.00 62.44  ? 143 HOH A O   1 
HETATM 859 O O   . HOH B 2 .   ? 1.137   -10.003 -11.324 1.00 64.68  ? 144 HOH A O   1 
HETATM 860 O O   . HOH B 2 .   ? 4.556   -16.993 -4.415  1.00 63.57  ? 145 HOH A O   1 
HETATM 861 O O   . HOH B 2 .   ? 8.363   -11.226 1.230   1.00 81.88  ? 146 HOH A O   1 
HETATM 862 O O   . HOH B 2 .   ? -12.512 -10.570 10.881  1.00 81.89  ? 147 HOH A O   1 
HETATM 863 O O   . HOH B 2 .   ? -11.139 -13.633 14.860  1.00 62.17  ? 148 HOH A O   1 
# 
loop_
_pdbx_poly_seq_scheme.asym_id 
_pdbx_poly_seq_scheme.entity_id 
_pdbx_poly_seq_scheme.seq_id 
_pdbx_poly_seq_scheme.mon_id 
_pdbx_poly_seq_scheme.ndb_seq_num 
_pdbx_poly_seq_scheme.pdb_seq_num 
_pdbx_poly_seq_scheme.auth_seq_num 
_pdbx_poly_seq_scheme.pdb_mon_id 
_pdbx_poly_seq_scheme.auth_mon_id 
_pdbx_poly_seq_scheme.pdb_strand_id 
_pdbx_poly_seq_scheme.pdb_ins_code 
_pdbx_poly_seq_scheme.hetero 
A 1 1   MET 1   1   1   MET MET A . n 
A 1 2   VAL 2   2   2   VAL VAL A . n 
A 1 3   TYR 3   3   3   TYR TYR A . n 
A 1 4   GLN 4   4   4   GLN GLN A . n 
A 1 5   VAL 5   5   5   VAL VAL A . n 
A 1 6   LYS 6   6   6   LYS LYS A . n 
A 1 7   ASP 7   7   7   ASP ASP A . n 
A 1 8   LYS 8   8   8   LYS LYS A . n 
A 1 9   ALA 9   9   9   ALA ALA A . n 
A 1 10  ASP 10  10  10  ASP ASP A . n 
A 1 11  LEU 11  11  11  LEU LEU A . n 
A 1 12  ASP 12  12  12  ASP ASP A . n 
A 1 13  GLY 13  13  13  GLY GLY A . n 
A 1 14  GLN 14  14  14  GLN GLN A . n 
A 1 15  LEU 15  15  15  LEU LEU A . n 
A 1 16  THR 16  16  16  THR THR A . n 
A 1 17  LYS 17  17  17  LYS LYS A . n 
A 1 18  ALA 18  18  18  ALA ALA A . n 
A 1 19  SER 19  19  19  SER SER A . n 
A 1 20  GLY 20  20  20  GLY GLY A . n 
A 1 21  LYS 21  21  21  LYS LYS A . n 
A 1 22  LEU 22  22  22  LEU LEU A . n 
A 1 23  VAL 23  23  23  VAL VAL A . n 
A 1 24  VAL 24  24  24  VAL VAL A . n 
A 1 25  LEU 25  25  25  LEU LEU A . n 
A 1 26  ASP 26  26  26  ASP ASP A . n 
A 1 27  PHE 27  27  27  PHE PHE A . n 
A 1 28  PHE 28  28  28  PHE PHE A . n 
A 1 29  ALA 29  29  29  ALA ALA A . n 
A 1 30  THR 30  30  30  THR THR A . n 
A 1 31  TRP 31  31  31  TRP TRP A . n 
A 1 32  CYS 32  32  32  CYS CYS A . n 
A 1 33  GLY 33  33  33  GLY GLY A . n 
A 1 34  PRO 34  34  34  PRO PRO A . n 
A 1 35  CYS 35  35  35  CYS CYS A . n 
A 1 36  LYS 36  36  36  LYS LYS A . n 
A 1 37  MET 37  37  37  MET MET A . n 
A 1 38  ILE 38  38  38  ILE ILE A . n 
A 1 39  SER 39  39  39  SER SER A . n 
A 1 40  PRO 40  40  40  PRO PRO A . n 
A 1 41  LYS 41  41  41  LYS LYS A . n 
A 1 42  LEU 42  42  42  LEU LEU A . n 
A 1 43  VAL 43  43  43  VAL VAL A . n 
A 1 44  GLU 44  44  44  GLU GLU A . n 
A 1 45  LEU 45  45  45  LEU LEU A . n 
A 1 46  SER 46  46  46  SER SER A . n 
A 1 47  THR 47  47  47  THR THR A . n 
A 1 48  GLN 48  48  48  GLN GLN A . n 
A 1 49  PHE 49  49  49  PHE PHE A . n 
A 1 50  ALA 50  50  50  ALA ALA A . n 
A 1 51  ASP 51  51  51  ASP ASP A . n 
A 1 52  ASN 52  52  52  ASN ASN A . n 
A 1 53  VAL 53  53  53  VAL VAL A . n 
A 1 54  VAL 54  54  54  VAL VAL A . n 
A 1 55  VAL 55  55  55  VAL VAL A . n 
A 1 56  LEU 56  56  56  LEU LEU A . n 
A 1 57  LYS 57  57  57  LYS LYS A . n 
A 1 58  VAL 58  58  58  VAL VAL A . n 
A 1 59  ASP 59  59  59  ASP ASP A . n 
A 1 60  VAL 60  60  60  VAL VAL A . n 
A 1 61  ASP 61  61  61  ASP ASP A . n 
A 1 62  GLU 62  62  62  GLU GLU A . n 
A 1 63  CYS 63  63  63  CYS CYS A . n 
A 1 64  GLU 64  64  64  GLU GLU A . n 
A 1 65  ASP 65  65  65  ASP ASP A . n 
A 1 66  ILE 66  66  66  ILE ILE A . n 
A 1 67  ALA 67  67  67  ALA ALA A . n 
A 1 68  MET 68  68  68  MET MET A . n 
A 1 69  GLU 69  69  69  GLU GLU A . n 
A 1 70  TYR 70  70  70  TYR TYR A . n 
A 1 71  ASN 71  71  71  ASN ASN A . n 
A 1 72  ILE 72  72  72  ILE ILE A . n 
A 1 73  SER 73  73  73  SER SER A . n 
A 1 74  SER 74  74  74  SER SER A . n 
A 1 75  MET 75  75  75  MET MET A . n 
A 1 76  PRO 76  76  76  PRO PRO A . n 
A 1 77  THR 77  77  77  THR THR A . n 
A 1 78  PHE 78  78  78  PHE PHE A . n 
A 1 79  VAL 79  79  79  VAL VAL A . n 
A 1 80  PHE 80  80  80  PHE PHE A . n 
A 1 81  LEU 81  81  81  LEU LEU A . n 
A 1 82  LYS 82  82  82  LYS LYS A . n 
A 1 83  ASN 83  83  83  ASN ASN A . n 
A 1 84  GLY 84  84  84  GLY GLY A . n 
A 1 85  VAL 85  85  85  VAL VAL A . n 
A 1 86  LYS 86  86  86  LYS LYS A . n 
A 1 87  VAL 87  87  87  VAL VAL A . n 
A 1 88  GLU 88  88  88  GLU GLU A . n 
A 1 89  GLU 89  89  89  GLU GLU A . n 
A 1 90  PHE 90  90  90  PHE PHE A . n 
A 1 91  ALA 91  91  91  ALA ALA A . n 
A 1 92  GLY 92  92  92  GLY GLY A . n 
A 1 93  ALA 93  93  93  ALA ALA A . n 
A 1 94  ASN 94  94  94  ASN ASN A . n 
A 1 95  ALA 95  95  95  ALA ALA A . n 
A 1 96  LYS 96  96  96  LYS LYS A . n 
A 1 97  ARG 97  97  97  ARG ARG A . n 
A 1 98  LEU 98  98  98  LEU LEU A . n 
A 1 99  GLU 99  99  99  GLU GLU A . n 
A 1 100 ASP 100 100 100 ASP ASP A . n 
A 1 101 VAL 101 101 101 VAL VAL A . n 
A 1 102 ILE 102 102 102 ILE ILE A . n 
A 1 103 LYS 103 103 103 LYS LYS A . n 
A 1 104 ALA 104 104 104 ALA ALA A . n 
A 1 105 ASN 105 105 105 ASN ASN A . n 
A 1 106 ILE 106 106 106 ILE ILE A . n 
# 
loop_
_pdbx_nonpoly_scheme.asym_id 
_pdbx_nonpoly_scheme.entity_id 
_pdbx_nonpoly_scheme.mon_id 
_pdbx_nonpoly_scheme.ndb_seq_num 
_pdbx_nonpoly_scheme.pdb_seq_num 
_pdbx_nonpoly_scheme.auth_seq_num 
_pdbx_nonpoly_scheme.pdb_mon_id 
_pdbx_nonpoly_scheme.auth_mon_id 
_pdbx_nonpoly_scheme.pdb_strand_id 
_pdbx_nonpoly_scheme.pdb_ins_code 
B 2 HOH 1  107 1  HOH HOH A . 
B 2 HOH 2  108 2  HOH HOH A . 
B 2 HOH 3  109 3  HOH HOH A . 
B 2 HOH 4  110 4  HOH HOH A . 
B 2 HOH 5  111 5  HOH HOH A . 
B 2 HOH 6  112 6  HOH HOH A . 
B 2 HOH 7  113 7  HOH HOH A . 
B 2 HOH 8  114 8  HOH HOH A . 
B 2 HOH 9  115 9  HOH HOH A . 
B 2 HOH 10 116 10 HOH HOH A . 
B 2 HOH 11 117 11 HOH HOH A . 
B 2 HOH 12 118 12 HOH HOH A . 
B 2 HOH 13 119 13 HOH HOH A . 
B 2 HOH 14 120 14 HOH HOH A . 
B 2 HOH 15 121 15 HOH HOH A . 
B 2 HOH 16 122 16 HOH HOH A . 
B 2 HOH 17 123 17 HOH HOH A . 
B 2 HOH 18 124 18 HOH HOH A . 
B 2 HOH 19 125 19 HOH HOH A . 
B 2 HOH 20 126 20 HOH HOH A . 
B 2 HOH 21 127 21 HOH HOH A . 
B 2 HOH 22 128 22 HOH HOH A . 
B 2 HOH 23 129 23 HOH HOH A . 
B 2 HOH 24 130 24 HOH HOH A . 
B 2 HOH 25 131 25 HOH HOH A . 
B 2 HOH 26 132 26 HOH HOH A . 
B 2 HOH 27 133 27 HOH HOH A . 
B 2 HOH 28 134 28 HOH HOH A . 
B 2 HOH 29 135 29 HOH HOH A . 
B 2 HOH 30 136 30 HOH HOH A . 
B 2 HOH 31 137 31 HOH HOH A . 
B 2 HOH 32 138 32 HOH HOH A . 
B 2 HOH 33 139 33 HOH HOH A . 
B 2 HOH 34 140 34 HOH HOH A . 
B 2 HOH 35 141 35 HOH HOH A . 
B 2 HOH 36 142 36 HOH HOH A . 
B 2 HOH 37 143 37 HOH HOH A . 
B 2 HOH 38 144 38 HOH HOH A . 
B 2 HOH 39 145 39 HOH HOH A . 
B 2 HOH 40 146 40 HOH HOH A . 
B 2 HOH 41 147 41 HOH HOH A . 
B 2 HOH 42 148 42 HOH HOH A . 
# 
_pdbx_struct_assembly.id                   1 
_pdbx_struct_assembly.details              author_defined_assembly 
_pdbx_struct_assembly.method_details       ? 
_pdbx_struct_assembly.oligomeric_details   monomeric 
_pdbx_struct_assembly.oligomeric_count     1 
# 
_pdbx_struct_assembly_gen.assembly_id       1 
_pdbx_struct_assembly_gen.oper_expression   1 
_pdbx_struct_assembly_gen.asym_id_list      A,B 
# 
_pdbx_struct_oper_list.id                   1 
_pdbx_struct_oper_list.type                 'identity operation' 
_pdbx_struct_oper_list.name                 1_555 
_pdbx_struct_oper_list.symmetry_operation   x,y,z 
_pdbx_struct_oper_list.matrix[1][1]         1.0000000000 
_pdbx_struct_oper_list.matrix[1][2]         0.0000000000 
_pdbx_struct_oper_list.matrix[1][3]         0.0000000000 
_pdbx_struct_oper_list.vector[1]            0.0000000000 
_pdbx_struct_oper_list.matrix[2][1]         0.0000000000 
_pdbx_struct_oper_list.matrix[2][2]         1.0000000000 
_pdbx_struct_oper_list.matrix[2][3]         0.0000000000 
_pdbx_struct_oper_list.vector[2]            0.0000000000 
_pdbx_struct_oper_list.matrix[3][1]         0.0000000000 
_pdbx_struct_oper_list.matrix[3][2]         0.0000000000 
_pdbx_struct_oper_list.matrix[3][3]         1.0000000000 
_pdbx_struct_oper_list.vector[3]            0.0000000000 
# 
loop_
_pdbx_audit_revision_history.ordinal 
_pdbx_audit_revision_history.data_content_type 
_pdbx_audit_revision_history.major_revision 
_pdbx_audit_revision_history.minor_revision 
_pdbx_audit_revision_history.revision_date 
1 'Structure model' 1 0 2004-11-16 
2 'Structure model' 1 1 2008-04-30 
3 'Structure model' 1 2 2011-07-13 
4 'Structure model' 1 3 2023-10-25 
# 
_pdbx_audit_revision_details.ordinal             1 
_pdbx_audit_revision_details.revision_ordinal    1 
_pdbx_audit_revision_details.data_content_type   'Structure model' 
_pdbx_audit_revision_details.provider            repository 
_pdbx_audit_revision_details.type                'Initial release' 
_pdbx_audit_revision_details.description         ? 
_pdbx_audit_revision_details.details             ? 
# 
loop_
_pdbx_audit_revision_group.ordinal 
_pdbx_audit_revision_group.revision_ordinal 
_pdbx_audit_revision_group.data_content_type 
_pdbx_audit_revision_group.group 
1 2 'Structure model' 'Version format compliance' 
2 3 'Structure model' 'Version format compliance' 
3 4 'Structure model' 'Data collection'           
4 4 'Structure model' 'Database references'       
5 4 'Structure model' 'Refinement description'    
# 
loop_
_pdbx_audit_revision_category.ordinal 
_pdbx_audit_revision_category.revision_ordinal 
_pdbx_audit_revision_category.data_content_type 
_pdbx_audit_revision_category.category 
1 4 'Structure model' chem_comp_atom                
2 4 'Structure model' chem_comp_bond                
3 4 'Structure model' database_2                    
4 4 'Structure model' pdbx_initial_refinement_model 
# 
loop_
_pdbx_audit_revision_item.ordinal 
_pdbx_audit_revision_item.revision_ordinal 
_pdbx_audit_revision_item.data_content_type 
_pdbx_audit_revision_item.item 
1 4 'Structure model' '_database_2.pdbx_DOI'                
2 4 'Structure model' '_database_2.pdbx_database_accession' 
# 
loop_
_software.name 
_software.classification 
_software.version 
_software.citation_id 
_software.pdbx_ordinal 
DENZO     'data reduction' .   ? 1 
SCALEPACK 'data scaling'   .   ? 2 
MOLREP    phasing          .   ? 3 
CNS       refinement       1.0 ? 4 
# 
loop_
_pdbx_validate_torsion.id 
_pdbx_validate_torsion.PDB_model_num 
_pdbx_validate_torsion.auth_comp_id 
_pdbx_validate_torsion.auth_asym_id 
_pdbx_validate_torsion.auth_seq_id 
_pdbx_validate_torsion.PDB_ins_code 
_pdbx_validate_torsion.label_alt_id 
_pdbx_validate_torsion.phi 
_pdbx_validate_torsion.psi 
1 1 VAL A 2  ? ? -154.90 78.02   
2 1 ALA A 18 ? ? -75.26  24.62   
3 1 SER A 19 ? ? 23.69   -119.01 
4 1 ALA A 50 ? ? -49.87  -18.06  
5 1 CYS A 63 ? ? -111.67 56.16   
6 1 SER A 73 ? ? -140.85 -4.43   
# 
loop_
_chem_comp_atom.comp_id 
_chem_comp_atom.atom_id 
_chem_comp_atom.type_symbol 
_chem_comp_atom.pdbx_aromatic_flag 
_chem_comp_atom.pdbx_stereo_config 
_chem_comp_atom.pdbx_ordinal 
ALA N    N N N 1   
ALA CA   C N S 2   
ALA C    C N N 3   
ALA O    O N N 4   
ALA CB   C N N 5   
ALA OXT  O N N 6   
ALA H    H N N 7   
ALA H2   H N N 8   
ALA HA   H N N 9   
ALA HB1  H N N 10  
ALA HB2  H N N 11  
ALA HB3  H N N 12  
ALA HXT  H N N 13  
ARG N    N N N 14  
ARG CA   C N S 15  
ARG C    C N N 16  
ARG O    O N N 17  
ARG CB   C N N 18  
ARG CG   C N N 19  
ARG CD   C N N 20  
ARG NE   N N N 21  
ARG CZ   C N N 22  
ARG NH1  N N N 23  
ARG NH2  N N N 24  
ARG OXT  O N N 25  
ARG H    H N N 26  
ARG H2   H N N 27  
ARG HA   H N N 28  
ARG HB2  H N N 29  
ARG HB3  H N N 30  
ARG HG2  H N N 31  
ARG HG3  H N N 32  
ARG HD2  H N N 33  
ARG HD3  H N N 34  
ARG HE   H N N 35  
ARG HH11 H N N 36  
ARG HH12 H N N 37  
ARG HH21 H N N 38  
ARG HH22 H N N 39  
ARG HXT  H N N 40  
ASN N    N N N 41  
ASN CA   C N S 42  
ASN C    C N N 43  
ASN O    O N N 44  
ASN CB   C N N 45  
ASN CG   C N N 46  
ASN OD1  O N N 47  
ASN ND2  N N N 48  
ASN OXT  O N N 49  
ASN H    H N N 50  
ASN H2   H N N 51  
ASN HA   H N N 52  
ASN HB2  H N N 53  
ASN HB3  H N N 54  
ASN HD21 H N N 55  
ASN HD22 H N N 56  
ASN HXT  H N N 57  
ASP N    N N N 58  
ASP CA   C N S 59  
ASP C    C N N 60  
ASP O    O N N 61  
ASP CB   C N N 62  
ASP CG   C N N 63  
ASP OD1  O N N 64  
ASP OD2  O N N 65  
ASP OXT  O N N 66  
ASP H    H N N 67  
ASP H2   H N N 68  
ASP HA   H N N 69  
ASP HB2  H N N 70  
ASP HB3  H N N 71  
ASP HD2  H N N 72  
ASP HXT  H N N 73  
CYS N    N N N 74  
CYS CA   C N R 75  
CYS C    C N N 76  
CYS O    O N N 77  
CYS CB   C N N 78  
CYS SG   S N N 79  
CYS OXT  O N N 80  
CYS H    H N N 81  
CYS H2   H N N 82  
CYS HA   H N N 83  
CYS HB2  H N N 84  
CYS HB3  H N N 85  
CYS HG   H N N 86  
CYS HXT  H N N 87  
GLN N    N N N 88  
GLN CA   C N S 89  
GLN C    C N N 90  
GLN O    O N N 91  
GLN CB   C N N 92  
GLN CG   C N N 93  
GLN CD   C N N 94  
GLN OE1  O N N 95  
GLN NE2  N N N 96  
GLN OXT  O N N 97  
GLN H    H N N 98  
GLN H2   H N N 99  
GLN HA   H N N 100 
GLN HB2  H N N 101 
GLN HB3  H N N 102 
GLN HG2  H N N 103 
GLN HG3  H N N 104 
GLN HE21 H N N 105 
GLN HE22 H N N 106 
GLN HXT  H N N 107 
GLU N    N N N 108 
GLU CA   C N S 109 
GLU C    C N N 110 
GLU O    O N N 111 
GLU CB   C N N 112 
GLU CG   C N N 113 
GLU CD   C N N 114 
GLU OE1  O N N 115 
GLU OE2  O N N 116 
GLU OXT  O N N 117 
GLU H    H N N 118 
GLU H2   H N N 119 
GLU HA   H N N 120 
GLU HB2  H N N 121 
GLU HB3  H N N 122 
GLU HG2  H N N 123 
GLU HG3  H N N 124 
GLU HE2  H N N 125 
GLU HXT  H N N 126 
GLY N    N N N 127 
GLY CA   C N N 128 
GLY C    C N N 129 
GLY O    O N N 130 
GLY OXT  O N N 131 
GLY H    H N N 132 
GLY H2   H N N 133 
GLY HA2  H N N 134 
GLY HA3  H N N 135 
GLY HXT  H N N 136 
HOH O    O N N 137 
HOH H1   H N N 138 
HOH H2   H N N 139 
ILE N    N N N 140 
ILE CA   C N S 141 
ILE C    C N N 142 
ILE O    O N N 143 
ILE CB   C N S 144 
ILE CG1  C N N 145 
ILE CG2  C N N 146 
ILE CD1  C N N 147 
ILE OXT  O N N 148 
ILE H    H N N 149 
ILE H2   H N N 150 
ILE HA   H N N 151 
ILE HB   H N N 152 
ILE HG12 H N N 153 
ILE HG13 H N N 154 
ILE HG21 H N N 155 
ILE HG22 H N N 156 
ILE HG23 H N N 157 
ILE HD11 H N N 158 
ILE HD12 H N N 159 
ILE HD13 H N N 160 
ILE HXT  H N N 161 
LEU N    N N N 162 
LEU CA   C N S 163 
LEU C    C N N 164 
LEU O    O N N 165 
LEU CB   C N N 166 
LEU CG   C N N 167 
LEU CD1  C N N 168 
LEU CD2  C N N 169 
LEU OXT  O N N 170 
LEU H    H N N 171 
LEU H2   H N N 172 
LEU HA   H N N 173 
LEU HB2  H N N 174 
LEU HB3  H N N 175 
LEU HG   H N N 176 
LEU HD11 H N N 177 
LEU HD12 H N N 178 
LEU HD13 H N N 179 
LEU HD21 H N N 180 
LEU HD22 H N N 181 
LEU HD23 H N N 182 
LEU HXT  H N N 183 
LYS N    N N N 184 
LYS CA   C N S 185 
LYS C    C N N 186 
LYS O    O N N 187 
LYS CB   C N N 188 
LYS CG   C N N 189 
LYS CD   C N N 190 
LYS CE   C N N 191 
LYS NZ   N N N 192 
LYS OXT  O N N 193 
LYS H    H N N 194 
LYS H2   H N N 195 
LYS HA   H N N 196 
LYS HB2  H N N 197 
LYS HB3  H N N 198 
LYS HG2  H N N 199 
LYS HG3  H N N 200 
LYS HD2  H N N 201 
LYS HD3  H N N 202 
LYS HE2  H N N 203 
LYS HE3  H N N 204 
LYS HZ1  H N N 205 
LYS HZ2  H N N 206 
LYS HZ3  H N N 207 
LYS HXT  H N N 208 
MET N    N N N 209 
MET CA   C N S 210 
MET C    C N N 211 
MET O    O N N 212 
MET CB   C N N 213 
MET CG   C N N 214 
MET SD   S N N 215 
MET CE   C N N 216 
MET OXT  O N N 217 
MET H    H N N 218 
MET H2   H N N 219 
MET HA   H N N 220 
MET HB2  H N N 221 
MET HB3  H N N 222 
MET HG2  H N N 223 
MET HG3  H N N 224 
MET HE1  H N N 225 
MET HE2  H N N 226 
MET HE3  H N N 227 
MET HXT  H N N 228 
PHE N    N N N 229 
PHE CA   C N S 230 
PHE C    C N N 231 
PHE O    O N N 232 
PHE CB   C N N 233 
PHE CG   C Y N 234 
PHE CD1  C Y N 235 
PHE CD2  C Y N 236 
PHE CE1  C Y N 237 
PHE CE2  C Y N 238 
PHE CZ   C Y N 239 
PHE OXT  O N N 240 
PHE H    H N N 241 
PHE H2   H N N 242 
PHE HA   H N N 243 
PHE HB2  H N N 244 
PHE HB3  H N N 245 
PHE HD1  H N N 246 
PHE HD2  H N N 247 
PHE HE1  H N N 248 
PHE HE2  H N N 249 
PHE HZ   H N N 250 
PHE HXT  H N N 251 
PRO N    N N N 252 
PRO CA   C N S 253 
PRO C    C N N 254 
PRO O    O N N 255 
PRO CB   C N N 256 
PRO CG   C N N 257 
PRO CD   C N N 258 
PRO OXT  O N N 259 
PRO H    H N N 260 
PRO HA   H N N 261 
PRO HB2  H N N 262 
PRO HB3  H N N 263 
PRO HG2  H N N 264 
PRO HG3  H N N 265 
PRO HD2  H N N 266 
PRO HD3  H N N 267 
PRO HXT  H N N 268 
SER N    N N N 269 
SER CA   C N S 270 
SER C    C N N 271 
SER O    O N N 272 
SER CB   C N N 273 
SER OG   O N N 274 
SER OXT  O N N 275 
SER H    H N N 276 
SER H2   H N N 277 
SER HA   H N N 278 
SER HB2  H N N 279 
SER HB3  H N N 280 
SER HG   H N N 281 
SER HXT  H N N 282 
THR N    N N N 283 
THR CA   C N S 284 
THR C    C N N 285 
THR O    O N N 286 
THR CB   C N R 287 
THR OG1  O N N 288 
THR CG2  C N N 289 
THR OXT  O N N 290 
THR H    H N N 291 
THR H2   H N N 292 
THR HA   H N N 293 
THR HB   H N N 294 
THR HG1  H N N 295 
THR HG21 H N N 296 
THR HG22 H N N 297 
THR HG23 H N N 298 
THR HXT  H N N 299 
TRP N    N N N 300 
TRP CA   C N S 301 
TRP C    C N N 302 
TRP O    O N N 303 
TRP CB   C N N 304 
TRP CG   C Y N 305 
TRP CD1  C Y N 306 
TRP CD2  C Y N 307 
TRP NE1  N Y N 308 
TRP CE2  C Y N 309 
TRP CE3  C Y N 310 
TRP CZ2  C Y N 311 
TRP CZ3  C Y N 312 
TRP CH2  C Y N 313 
TRP OXT  O N N 314 
TRP H    H N N 315 
TRP H2   H N N 316 
TRP HA   H N N 317 
TRP HB2  H N N 318 
TRP HB3  H N N 319 
TRP HD1  H N N 320 
TRP HE1  H N N 321 
TRP HE3  H N N 322 
TRP HZ2  H N N 323 
TRP HZ3  H N N 324 
TRP HH2  H N N 325 
TRP HXT  H N N 326 
TYR N    N N N 327 
TYR CA   C N S 328 
TYR C    C N N 329 
TYR O    O N N 330 
TYR CB   C N N 331 
TYR CG   C Y N 332 
TYR CD1  C Y N 333 
TYR CD2  C Y N 334 
TYR CE1  C Y N 335 
TYR CE2  C Y N 336 
TYR CZ   C Y N 337 
TYR OH   O N N 338 
TYR OXT  O N N 339 
TYR H    H N N 340 
TYR H2   H N N 341 
TYR HA   H N N 342 
TYR HB2  H N N 343 
TYR HB3  H N N 344 
TYR HD1  H N N 345 
TYR HD2  H N N 346 
TYR HE1  H N N 347 
TYR HE2  H N N 348 
TYR HH   H N N 349 
TYR HXT  H N N 350 
VAL N    N N N 351 
VAL CA   C N S 352 
VAL C    C N N 353 
VAL O    O N N 354 
VAL CB   C N N 355 
VAL CG1  C N N 356 
VAL CG2  C N N 357 
VAL OXT  O N N 358 
VAL H    H N N 359 
VAL H2   H N N 360 
VAL HA   H N N 361 
VAL HB   H N N 362 
VAL HG11 H N N 363 
VAL HG12 H N N 364 
VAL HG13 H N N 365 
VAL HG21 H N N 366 
VAL HG22 H N N 367 
VAL HG23 H N N 368 
VAL HXT  H N N 369 
# 
loop_
_chem_comp_bond.comp_id 
_chem_comp_bond.atom_id_1 
_chem_comp_bond.atom_id_2 
_chem_comp_bond.value_order 
_chem_comp_bond.pdbx_aromatic_flag 
_chem_comp_bond.pdbx_stereo_config 
_chem_comp_bond.pdbx_ordinal 
ALA N   CA   sing N N 1   
ALA N   H    sing N N 2   
ALA N   H2   sing N N 3   
ALA CA  C    sing N N 4   
ALA CA  CB   sing N N 5   
ALA CA  HA   sing N N 6   
ALA C   O    doub N N 7   
ALA C   OXT  sing N N 8   
ALA CB  HB1  sing N N 9   
ALA CB  HB2  sing N N 10  
ALA CB  HB3  sing N N 11  
ALA OXT HXT  sing N N 12  
ARG N   CA   sing N N 13  
ARG N   H    sing N N 14  
ARG N   H2   sing N N 15  
ARG CA  C    sing N N 16  
ARG CA  CB   sing N N 17  
ARG CA  HA   sing N N 18  
ARG C   O    doub N N 19  
ARG C   OXT  sing N N 20  
ARG CB  CG   sing N N 21  
ARG CB  HB2  sing N N 22  
ARG CB  HB3  sing N N 23  
ARG CG  CD   sing N N 24  
ARG CG  HG2  sing N N 25  
ARG CG  HG3  sing N N 26  
ARG CD  NE   sing N N 27  
ARG CD  HD2  sing N N 28  
ARG CD  HD3  sing N N 29  
ARG NE  CZ   sing N N 30  
ARG NE  HE   sing N N 31  
ARG CZ  NH1  sing N N 32  
ARG CZ  NH2  doub N N 33  
ARG NH1 HH11 sing N N 34  
ARG NH1 HH12 sing N N 35  
ARG NH2 HH21 sing N N 36  
ARG NH2 HH22 sing N N 37  
ARG OXT HXT  sing N N 38  
ASN N   CA   sing N N 39  
ASN N   H    sing N N 40  
ASN N   H2   sing N N 41  
ASN CA  C    sing N N 42  
ASN CA  CB   sing N N 43  
ASN CA  HA   sing N N 44  
ASN C   O    doub N N 45  
ASN C   OXT  sing N N 46  
ASN CB  CG   sing N N 47  
ASN CB  HB2  sing N N 48  
ASN CB  HB3  sing N N 49  
ASN CG  OD1  doub N N 50  
ASN CG  ND2  sing N N 51  
ASN ND2 HD21 sing N N 52  
ASN ND2 HD22 sing N N 53  
ASN OXT HXT  sing N N 54  
ASP N   CA   sing N N 55  
ASP N   H    sing N N 56  
ASP N   H2   sing N N 57  
ASP CA  C    sing N N 58  
ASP CA  CB   sing N N 59  
ASP CA  HA   sing N N 60  
ASP C   O    doub N N 61  
ASP C   OXT  sing N N 62  
ASP CB  CG   sing N N 63  
ASP CB  HB2  sing N N 64  
ASP CB  HB3  sing N N 65  
ASP CG  OD1  doub N N 66  
ASP CG  OD2  sing N N 67  
ASP OD2 HD2  sing N N 68  
ASP OXT HXT  sing N N 69  
CYS N   CA   sing N N 70  
CYS N   H    sing N N 71  
CYS N   H2   sing N N 72  
CYS CA  C    sing N N 73  
CYS CA  CB   sing N N 74  
CYS CA  HA   sing N N 75  
CYS C   O    doub N N 76  
CYS C   OXT  sing N N 77  
CYS CB  SG   sing N N 78  
CYS CB  HB2  sing N N 79  
CYS CB  HB3  sing N N 80  
CYS SG  HG   sing N N 81  
CYS OXT HXT  sing N N 82  
GLN N   CA   sing N N 83  
GLN N   H    sing N N 84  
GLN N   H2   sing N N 85  
GLN CA  C    sing N N 86  
GLN CA  CB   sing N N 87  
GLN CA  HA   sing N N 88  
GLN C   O    doub N N 89  
GLN C   OXT  sing N N 90  
GLN CB  CG   sing N N 91  
GLN CB  HB2  sing N N 92  
GLN CB  HB3  sing N N 93  
GLN CG  CD   sing N N 94  
GLN CG  HG2  sing N N 95  
GLN CG  HG3  sing N N 96  
GLN CD  OE1  doub N N 97  
GLN CD  NE2  sing N N 98  
GLN NE2 HE21 sing N N 99  
GLN NE2 HE22 sing N N 100 
GLN OXT HXT  sing N N 101 
GLU N   CA   sing N N 102 
GLU N   H    sing N N 103 
GLU N   H2   sing N N 104 
GLU CA  C    sing N N 105 
GLU CA  CB   sing N N 106 
GLU CA  HA   sing N N 107 
GLU C   O    doub N N 108 
GLU C   OXT  sing N N 109 
GLU CB  CG   sing N N 110 
GLU CB  HB2  sing N N 111 
GLU CB  HB3  sing N N 112 
GLU CG  CD   sing N N 113 
GLU CG  HG2  sing N N 114 
GLU CG  HG3  sing N N 115 
GLU CD  OE1  doub N N 116 
GLU CD  OE2  sing N N 117 
GLU OE2 HE2  sing N N 118 
GLU OXT HXT  sing N N 119 
GLY N   CA   sing N N 120 
GLY N   H    sing N N 121 
GLY N   H2   sing N N 122 
GLY CA  C    sing N N 123 
GLY CA  HA2  sing N N 124 
GLY CA  HA3  sing N N 125 
GLY C   O    doub N N 126 
GLY C   OXT  sing N N 127 
GLY OXT HXT  sing N N 128 
HOH O   H1   sing N N 129 
HOH O   H2   sing N N 130 
ILE N   CA   sing N N 131 
ILE N   H    sing N N 132 
ILE N   H2   sing N N 133 
ILE CA  C    sing N N 134 
ILE CA  CB   sing N N 135 
ILE CA  HA   sing N N 136 
ILE C   O    doub N N 137 
ILE C   OXT  sing N N 138 
ILE CB  CG1  sing N N 139 
ILE CB  CG2  sing N N 140 
ILE CB  HB   sing N N 141 
ILE CG1 CD1  sing N N 142 
ILE CG1 HG12 sing N N 143 
ILE CG1 HG13 sing N N 144 
ILE CG2 HG21 sing N N 145 
ILE CG2 HG22 sing N N 146 
ILE CG2 HG23 sing N N 147 
ILE CD1 HD11 sing N N 148 
ILE CD1 HD12 sing N N 149 
ILE CD1 HD13 sing N N 150 
ILE OXT HXT  sing N N 151 
LEU N   CA   sing N N 152 
LEU N   H    sing N N 153 
LEU N   H2   sing N N 154 
LEU CA  C    sing N N 155 
LEU CA  CB   sing N N 156 
LEU CA  HA   sing N N 157 
LEU C   O    doub N N 158 
LEU C   OXT  sing N N 159 
LEU CB  CG   sing N N 160 
LEU CB  HB2  sing N N 161 
LEU CB  HB3  sing N N 162 
LEU CG  CD1  sing N N 163 
LEU CG  CD2  sing N N 164 
LEU CG  HG   sing N N 165 
LEU CD1 HD11 sing N N 166 
LEU CD1 HD12 sing N N 167 
LEU CD1 HD13 sing N N 168 
LEU CD2 HD21 sing N N 169 
LEU CD2 HD22 sing N N 170 
LEU CD2 HD23 sing N N 171 
LEU OXT HXT  sing N N 172 
LYS N   CA   sing N N 173 
LYS N   H    sing N N 174 
LYS N   H2   sing N N 175 
LYS CA  C    sing N N 176 
LYS CA  CB   sing N N 177 
LYS CA  HA   sing N N 178 
LYS C   O    doub N N 179 
LYS C   OXT  sing N N 180 
LYS CB  CG   sing N N 181 
LYS CB  HB2  sing N N 182 
LYS CB  HB3  sing N N 183 
LYS CG  CD   sing N N 184 
LYS CG  HG2  sing N N 185 
LYS CG  HG3  sing N N 186 
LYS CD  CE   sing N N 187 
LYS CD  HD2  sing N N 188 
LYS CD  HD3  sing N N 189 
LYS CE  NZ   sing N N 190 
LYS CE  HE2  sing N N 191 
LYS CE  HE3  sing N N 192 
LYS NZ  HZ1  sing N N 193 
LYS NZ  HZ2  sing N N 194 
LYS NZ  HZ3  sing N N 195 
LYS OXT HXT  sing N N 196 
MET N   CA   sing N N 197 
MET N   H    sing N N 198 
MET N   H2   sing N N 199 
MET CA  C    sing N N 200 
MET CA  CB   sing N N 201 
MET CA  HA   sing N N 202 
MET C   O    doub N N 203 
MET C   OXT  sing N N 204 
MET CB  CG   sing N N 205 
MET CB  HB2  sing N N 206 
MET CB  HB3  sing N N 207 
MET CG  SD   sing N N 208 
MET CG  HG2  sing N N 209 
MET CG  HG3  sing N N 210 
MET SD  CE   sing N N 211 
MET CE  HE1  sing N N 212 
MET CE  HE2  sing N N 213 
MET CE  HE3  sing N N 214 
MET OXT HXT  sing N N 215 
PHE N   CA   sing N N 216 
PHE N   H    sing N N 217 
PHE N   H2   sing N N 218 
PHE CA  C    sing N N 219 
PHE CA  CB   sing N N 220 
PHE CA  HA   sing N N 221 
PHE C   O    doub N N 222 
PHE C   OXT  sing N N 223 
PHE CB  CG   sing N N 224 
PHE CB  HB2  sing N N 225 
PHE CB  HB3  sing N N 226 
PHE CG  CD1  doub Y N 227 
PHE CG  CD2  sing Y N 228 
PHE CD1 CE1  sing Y N 229 
PHE CD1 HD1  sing N N 230 
PHE CD2 CE2  doub Y N 231 
PHE CD2 HD2  sing N N 232 
PHE CE1 CZ   doub Y N 233 
PHE CE1 HE1  sing N N 234 
PHE CE2 CZ   sing Y N 235 
PHE CE2 HE2  sing N N 236 
PHE CZ  HZ   sing N N 237 
PHE OXT HXT  sing N N 238 
PRO N   CA   sing N N 239 
PRO N   CD   sing N N 240 
PRO N   H    sing N N 241 
PRO CA  C    sing N N 242 
PRO CA  CB   sing N N 243 
PRO CA  HA   sing N N 244 
PRO C   O    doub N N 245 
PRO C   OXT  sing N N 246 
PRO CB  CG   sing N N 247 
PRO CB  HB2  sing N N 248 
PRO CB  HB3  sing N N 249 
PRO CG  CD   sing N N 250 
PRO CG  HG2  sing N N 251 
PRO CG  HG3  sing N N 252 
PRO CD  HD2  sing N N 253 
PRO CD  HD3  sing N N 254 
PRO OXT HXT  sing N N 255 
SER N   CA   sing N N 256 
SER N   H    sing N N 257 
SER N   H2   sing N N 258 
SER CA  C    sing N N 259 
SER CA  CB   sing N N 260 
SER CA  HA   sing N N 261 
SER C   O    doub N N 262 
SER C   OXT  sing N N 263 
SER CB  OG   sing N N 264 
SER CB  HB2  sing N N 265 
SER CB  HB3  sing N N 266 
SER OG  HG   sing N N 267 
SER OXT HXT  sing N N 268 
THR N   CA   sing N N 269 
THR N   H    sing N N 270 
THR N   H2   sing N N 271 
THR CA  C    sing N N 272 
THR CA  CB   sing N N 273 
THR CA  HA   sing N N 274 
THR C   O    doub N N 275 
THR C   OXT  sing N N 276 
THR CB  OG1  sing N N 277 
THR CB  CG2  sing N N 278 
THR CB  HB   sing N N 279 
THR OG1 HG1  sing N N 280 
THR CG2 HG21 sing N N 281 
THR CG2 HG22 sing N N 282 
THR CG2 HG23 sing N N 283 
THR OXT HXT  sing N N 284 
TRP N   CA   sing N N 285 
TRP N   H    sing N N 286 
TRP N   H2   sing N N 287 
TRP CA  C    sing N N 288 
TRP CA  CB   sing N N 289 
TRP CA  HA   sing N N 290 
TRP C   O    doub N N 291 
TRP C   OXT  sing N N 292 
TRP CB  CG   sing N N 293 
TRP CB  HB2  sing N N 294 
TRP CB  HB3  sing N N 295 
TRP CG  CD1  doub Y N 296 
TRP CG  CD2  sing Y N 297 
TRP CD1 NE1  sing Y N 298 
TRP CD1 HD1  sing N N 299 
TRP CD2 CE2  doub Y N 300 
TRP CD2 CE3  sing Y N 301 
TRP NE1 CE2  sing Y N 302 
TRP NE1 HE1  sing N N 303 
TRP CE2 CZ2  sing Y N 304 
TRP CE3 CZ3  doub Y N 305 
TRP CE3 HE3  sing N N 306 
TRP CZ2 CH2  doub Y N 307 
TRP CZ2 HZ2  sing N N 308 
TRP CZ3 CH2  sing Y N 309 
TRP CZ3 HZ3  sing N N 310 
TRP CH2 HH2  sing N N 311 
TRP OXT HXT  sing N N 312 
TYR N   CA   sing N N 313 
TYR N   H    sing N N 314 
TYR N   H2   sing N N 315 
TYR CA  C    sing N N 316 
TYR CA  CB   sing N N 317 
TYR CA  HA   sing N N 318 
TYR C   O    doub N N 319 
TYR C   OXT  sing N N 320 
TYR CB  CG   sing N N 321 
TYR CB  HB2  sing N N 322 
TYR CB  HB3  sing N N 323 
TYR CG  CD1  doub Y N 324 
TYR CG  CD2  sing Y N 325 
TYR CD1 CE1  sing Y N 326 
TYR CD1 HD1  sing N N 327 
TYR CD2 CE2  doub Y N 328 
TYR CD2 HD2  sing N N 329 
TYR CE1 CZ   doub Y N 330 
TYR CE1 HE1  sing N N 331 
TYR CE2 CZ   sing Y N 332 
TYR CE2 HE2  sing N N 333 
TYR CZ  OH   sing N N 334 
TYR OH  HH   sing N N 335 
TYR OXT HXT  sing N N 336 
VAL N   CA   sing N N 337 
VAL N   H    sing N N 338 
VAL N   H2   sing N N 339 
VAL CA  C    sing N N 340 
VAL CA  CB   sing N N 341 
VAL CA  HA   sing N N 342 
VAL C   O    doub N N 343 
VAL C   OXT  sing N N 344 
VAL CB  CG1  sing N N 345 
VAL CB  CG2  sing N N 346 
VAL CB  HB   sing N N 347 
VAL CG1 HG11 sing N N 348 
VAL CG1 HG12 sing N N 349 
VAL CG1 HG13 sing N N 350 
VAL CG2 HG21 sing N N 351 
VAL CG2 HG22 sing N N 352 
VAL CG2 HG23 sing N N 353 
VAL OXT HXT  sing N N 354 
# 
_pdbx_entity_nonpoly.entity_id   2 
_pdbx_entity_nonpoly.name        water 
_pdbx_entity_nonpoly.comp_id     HOH 
# 
_pdbx_initial_refinement_model.id               1 
_pdbx_initial_refinement_model.entity_id_list   ? 
_pdbx_initial_refinement_model.type             'experimental model' 
_pdbx_initial_refinement_model.source_name      PDB 
_pdbx_initial_refinement_model.accession_code   1AUC 
_pdbx_initial_refinement_model.details          'PDB Entry 1AUC' 
# 
